data_7UJD
#
_entry.id   7UJD
#
_cell.length_a   1.00
_cell.length_b   1.00
_cell.length_c   1.00
_cell.angle_alpha   90.00
_cell.angle_beta   90.00
_cell.angle_gamma   90.00
#
_symmetry.space_group_name_H-M   'P 1'
#
loop_
_entity.id
_entity.type
_entity.pdbx_description
1 polymer '26S proteasome non-ATPase regulatory subunit 2'
2 polymer 'Fab 14 LC CDRs'
3 polymer 'Fab 14 HC CDRs'
4 polymer 'Fab 8 LC CDRs'
5 polymer 'Fab 8 HC CDRs'
6 polymer ACY-PHE-PRO-ASP-VAL-SAR-LEU-HIS-ARG-TYR-TRP-GLY-TRP-ASP-CYS-GLY-NH2
#
loop_
_entity_poly.entity_id
_entity_poly.type
_entity_poly.pdbx_seq_one_letter_code
_entity_poly.pdbx_strand_id
1 'polypeptide(L)'
;SRFPEALRLALMLNDMELVEDIFTSCKDVVVQKQMAFMLGRHGVFLELSEDVEEYEDLTEIMSNVQLNSNFLALARELDI
MEPKVPDDIYKTHLENNRFGGSGSQVDSARMNLASSFVNGFVNAAFGQDKLLTDDGNKWLYKNKDHGMLSAAASLGMILL
WDVDGGLTQIDKYLYSSEDYIKSGALLACGIVNSGVRNECDPALALLSDFVLHNSNTMRLGSIFGLGLAYAGSNREDVLT
LLLPVMGDSKSSMEVAGVTALACGMIAVGSCNGDVTSTILQTIMEKSETELKDTYARWLPLGLGLNHLGKGEAIEAILAA
LEVVSEPFRSFANTLVDVCAYAGSGNVLKVQQLLHICSEHFDSKEKEEDKDKKEKKDKDKKEAPADMGAHQGVAVLGIAL
IAMGEEIGAEMALRTFGHLLRYGEPTLRRAVPLALALISVSNPRLNILDTLSKFSHDADPEVSYNSIFAMGMVGSGTNNA
RLAAMLRQLAQYHAKDPNNLFMVRLAQGLTHLGKGTLTLCPYHSDRQLMSQVAVAGLLTVLVSFLDVRNIILGKSHYVLY
GLVAAMQPRMLVTFDEELRPLPVSVRVGQAVDVVGQAGKPKTITGFQTHTTPVLLAHGERAELATEEFLPVTPILEGFVI
LRKN
;
A
2 'polypeptide(L)'
;SDIQMTQSPSSLSASVGDRVTITCRASQSVSSAVAWYQQKPGKAPKLLIYSASSLYSGVPSRFSGSRSGTDFTLTISSLQ
PEDFATYYCQQYYSYYYPVTFGQGTKVEIKRTVAAPSVFIFPPSDEQLKSGTASVVCLLNNFYPREAKVQWKVDNALQSG
NSQESVTEQDSKDSTYSLSSTLTLSKADYEKHKVYACEVTHQGLSSPVTKSFNRGEC
;
C
3 'polypeptide(L)'
;EISEVQLVESGGGLVQPGGSLRLSCAASGFNVYYYSIHWVRQAPGKGLEWVASIYPYYSYTSYADSVKGRFTISADTSKN
TAYLQMNSLRAEDTAVYYCARYQSSSYGYGLDYWGQGTLVTVSSASTKGPSVFPLAPSSKSTSGGTAALGCLVKDYFPEP
VTVSWNSGALTSGVHTFPAVLQSSGLYSLSSVVTVPSSSLGTQTYICNVNHKPSNTKVDKKVEPKSCDKTH
;
D
4 'polypeptide(L)'
;SDIQMTQSPSSLSASVGDRVTITCRASQSVSSAVAWYQQKPGKAPKLLIYSASSLYSGVPSRFSGSRSGTDFTLTISSLQ
PEDFATYYCQQYYYSSSLVTFGQGTKVEIKRTVAAPSVFIFPPSDEQLKSGTASVVCLLNNFYPREAKVQWKVDNALQSG
NSQESVTEQDSKDSTYSLSSTLTLSKADYEKHKVYACEVTHQGLSSPVTKSFNRGEC
;
E
5 'polypeptide(L)'
;EISEVQLVESGGGLVQPGGSLRLSCAASGFNFSSYSMHWVRQAPGKGLEWVAYIYPYSSYTYYADSVKGRFTISADTSKN
TAYLQMNSLRAEDTAVYYCARKYQWRGALDYWGQGTLVTVSSASTKGPSVFPLAPSSKSTSGGTAALGCLVKDYFPEPVT
VSWNSGALTSGVHTFPAVLQSSGLYSLSSVVTVPSSSLGTQTYICNVNHKPSNTKVDKKVEPKSCDKTH
;
F
6 'polypeptide(L)' (ACY)FPDV(SAR)LHRYWGWDCG(NH2) Z
#
loop_
_chem_comp.id
_chem_comp.type
_chem_comp.name
_chem_comp.formula
ACY non-polymer 'ACETIC ACID' 'C2 H4 O2'
NH2 non-polymer 'AMINO GROUP' 'H2 N'
#
# COMPACT_ATOMS: atom_id res chain seq x y z
N SER A 1 -23.73 4.65 -28.22
CA SER A 1 -22.28 4.54 -28.32
C SER A 1 -21.61 5.24 -27.13
N ARG A 2 -21.28 4.46 -26.09
CA ARG A 2 -20.55 4.99 -24.95
C ARG A 2 -19.62 3.87 -24.47
N PHE A 3 -18.54 3.68 -25.23
CA PHE A 3 -17.52 2.71 -24.85
C PHE A 3 -16.88 2.92 -23.48
N PRO A 4 -16.68 4.14 -22.97
CA PRO A 4 -16.16 4.25 -21.60
C PRO A 4 -17.10 3.72 -20.54
N GLU A 5 -18.40 3.72 -20.80
CA GLU A 5 -19.34 3.08 -19.89
C GLU A 5 -19.20 1.57 -19.94
N ALA A 6 -19.24 1.01 -21.14
CA ALA A 6 -19.12 -0.43 -21.27
C ALA A 6 -17.81 -0.90 -20.65
N LEU A 7 -16.73 -0.16 -20.89
CA LEU A 7 -15.44 -0.53 -20.33
C LEU A 7 -15.46 -0.49 -18.81
N ARG A 8 -16.14 0.49 -18.22
CA ARG A 8 -16.22 0.51 -16.76
C ARG A 8 -16.97 -0.71 -16.23
N LEU A 9 -18.08 -1.08 -16.89
CA LEU A 9 -18.82 -2.25 -16.44
C LEU A 9 -17.96 -3.53 -16.57
N ALA A 10 -17.24 -3.66 -17.69
CA ALA A 10 -16.38 -4.81 -17.86
C ALA A 10 -15.31 -4.86 -16.77
N LEU A 11 -14.73 -3.72 -16.42
CA LEU A 11 -13.73 -3.71 -15.35
C LEU A 11 -14.36 -4.10 -14.02
N MET A 12 -15.61 -3.67 -13.77
CA MET A 12 -16.31 -4.13 -12.59
C MET A 12 -16.43 -5.65 -12.58
N LEU A 13 -16.78 -6.25 -13.72
CA LEU A 13 -16.82 -7.70 -13.83
C LEU A 13 -15.45 -8.36 -13.78
N ASN A 14 -14.37 -7.61 -13.96
CA ASN A 14 -13.02 -8.18 -14.05
C ASN A 14 -12.96 -9.29 -15.11
N ASP A 15 -13.58 -9.03 -16.25
CA ASP A 15 -13.70 -9.99 -17.35
C ASP A 15 -12.85 -9.48 -18.51
N MET A 16 -11.54 -9.75 -18.42
CA MET A 16 -10.58 -9.10 -19.33
C MET A 16 -10.80 -9.47 -20.79
N GLU A 17 -11.44 -10.61 -21.08
CA GLU A 17 -11.78 -10.93 -22.46
C GLU A 17 -12.73 -9.89 -23.03
N LEU A 18 -13.67 -9.43 -22.22
CA LEU A 18 -14.61 -8.41 -22.68
C LEU A 18 -13.98 -7.03 -22.63
N VAL A 19 -13.06 -6.78 -21.70
CA VAL A 19 -12.35 -5.51 -21.67
C VAL A 19 -11.57 -5.34 -22.96
N GLU A 20 -10.83 -6.38 -23.37
CA GLU A 20 -10.07 -6.32 -24.61
C GLU A 20 -10.99 -6.28 -25.83
N ASP A 21 -12.16 -6.91 -25.77
CA ASP A 21 -13.07 -6.84 -26.91
C ASP A 21 -13.77 -5.49 -27.01
N ILE A 22 -13.90 -4.75 -25.90
CA ILE A 22 -14.48 -3.43 -25.96
C ILE A 22 -13.44 -2.36 -26.34
N PHE A 23 -12.19 -2.52 -25.89
CA PHE A 23 -11.18 -1.53 -26.23
C PHE A 23 -10.90 -1.52 -27.73
N THR A 24 -10.82 -2.69 -28.34
CA THR A 24 -10.86 -2.79 -29.79
C THR A 24 -12.27 -2.49 -30.29
N SER A 25 -12.38 -2.20 -31.58
CA SER A 25 -13.64 -1.85 -32.24
C SER A 25 -14.19 -0.51 -31.79
N CYS A 26 -13.40 0.32 -31.11
CA CYS A 26 -13.69 1.74 -30.95
C CYS A 26 -12.90 2.50 -32.00
N LYS A 27 -13.61 3.11 -32.95
CA LYS A 27 -12.95 3.77 -34.07
C LYS A 27 -12.41 5.15 -33.71
N ASP A 28 -12.97 5.80 -32.69
CA ASP A 28 -12.53 7.14 -32.31
C ASP A 28 -11.26 7.07 -31.50
N VAL A 29 -10.19 7.70 -31.99
CA VAL A 29 -8.89 7.64 -31.32
C VAL A 29 -8.96 8.25 -29.93
N VAL A 30 -9.56 9.44 -29.80
CA VAL A 30 -9.47 10.13 -28.51
C VAL A 30 -10.27 9.40 -27.44
N VAL A 31 -11.32 8.68 -27.84
CA VAL A 31 -12.02 7.83 -26.91
C VAL A 31 -11.11 6.72 -26.41
N GLN A 32 -10.32 6.14 -27.32
CA GLN A 32 -9.34 5.13 -26.91
C GLN A 32 -8.27 5.70 -26.00
N LYS A 33 -7.84 6.94 -26.23
CA LYS A 33 -6.90 7.57 -25.29
C LYS A 33 -7.52 7.74 -23.91
N GLN A 34 -8.80 8.10 -23.85
CA GLN A 34 -9.46 8.21 -22.56
C GLN A 34 -9.57 6.85 -21.88
N MET A 35 -9.96 5.82 -22.63
CA MET A 35 -10.04 4.48 -22.07
C MET A 35 -8.67 3.97 -21.64
N ALA A 36 -7.62 4.36 -22.36
CA ALA A 36 -6.26 4.01 -21.95
C ALA A 36 -5.90 4.66 -20.62
N PHE A 37 -6.32 5.91 -20.41
CA PHE A 37 -6.11 6.52 -19.09
C PHE A 37 -6.86 5.76 -18.01
N MET A 38 -8.08 5.31 -18.31
CA MET A 38 -8.83 4.54 -17.33
C MET A 38 -8.12 3.24 -17.00
N LEU A 39 -7.68 2.49 -18.02
CA LEU A 39 -6.97 1.24 -17.80
C LEU A 39 -5.67 1.46 -17.03
N GLY A 40 -4.93 2.51 -17.36
CA GLY A 40 -3.70 2.79 -16.63
C GLY A 40 -3.97 3.07 -15.17
N ARG A 41 -5.05 3.80 -14.88
CA ARG A 41 -5.42 4.04 -13.50
C ARG A 41 -5.81 2.74 -12.79
N HIS A 42 -6.49 1.85 -13.50
CA HIS A 42 -6.92 0.59 -12.91
C HIS A 42 -5.79 -0.44 -12.83
N GLY A 43 -4.64 -0.18 -13.43
CA GLY A 43 -3.53 -1.12 -13.38
C GLY A 43 -3.67 -2.29 -14.31
N VAL A 44 -4.46 -2.16 -15.37
CA VAL A 44 -4.58 -3.17 -16.41
C VAL A 44 -3.75 -2.71 -17.60
N PHE A 45 -2.85 -3.57 -18.06
CA PHE A 45 -2.09 -3.33 -19.29
C PHE A 45 -2.47 -4.41 -20.29
N LEU A 46 -2.97 -4.00 -21.45
CA LEU A 46 -3.34 -4.93 -22.51
C LEU A 46 -2.42 -4.74 -23.70
N GLU A 47 -1.91 -5.87 -24.21
CA GLU A 47 -0.98 -5.89 -25.34
C GLU A 47 -1.75 -5.68 -26.65
N LEU A 48 -1.26 -4.77 -27.49
CA LEU A 48 -1.89 -4.45 -28.75
C LEU A 48 -0.96 -4.77 -29.90
N SER A 49 -1.54 -5.13 -31.04
CA SER A 49 -0.74 -5.31 -32.25
C SER A 49 -0.22 -3.97 -32.73
N GLU A 50 1.03 -3.96 -33.21
CA GLU A 50 1.67 -2.72 -33.60
C GLU A 50 1.03 -2.08 -34.83
N ASP A 51 0.07 -2.77 -35.47
CA ASP A 51 -0.67 -2.23 -36.59
C ASP A 51 -1.96 -1.52 -36.20
N VAL A 52 -2.32 -1.44 -34.91
CA VAL A 52 -3.45 -0.60 -34.55
C VAL A 52 -3.11 0.86 -34.79
N GLU A 53 -4.16 1.67 -34.94
CA GLU A 53 -4.00 2.99 -35.55
C GLU A 53 -3.01 3.88 -34.80
N GLU A 54 -2.99 3.81 -33.47
CA GLU A 54 -2.14 4.67 -32.66
C GLU A 54 -1.44 3.87 -31.57
N TYR A 55 -0.98 2.67 -31.90
CA TYR A 55 -0.30 1.80 -30.95
C TYR A 55 0.70 2.53 -30.05
N GLU A 56 1.52 3.39 -30.65
CA GLU A 56 2.59 4.03 -29.90
C GLU A 56 2.05 4.88 -28.76
N ASP A 57 1.00 5.65 -29.01
CA ASP A 57 0.49 6.56 -27.99
C ASP A 57 -0.39 5.83 -26.99
N LEU A 58 -1.22 4.89 -27.46
CA LEU A 58 -2.05 4.16 -26.50
C LEU A 58 -1.19 3.36 -25.53
N THR A 59 -0.12 2.73 -26.04
CA THR A 59 0.84 2.06 -25.16
C THR A 59 1.51 3.05 -24.23
N GLU A 60 1.91 4.22 -24.74
CA GLU A 60 2.59 5.19 -23.90
C GLU A 60 1.71 5.69 -22.77
N ILE A 61 0.40 5.84 -23.04
CA ILE A 61 -0.56 6.23 -22.01
C ILE A 61 -0.76 5.10 -21.00
N MET A 62 -1.00 3.89 -21.48
CA MET A 62 -1.31 2.77 -20.58
C MET A 62 -0.21 2.52 -19.56
N SER A 63 1.04 2.80 -19.90
CA SER A 63 2.16 2.55 -19.00
C SER A 63 2.49 3.71 -18.06
N ASN A 64 1.63 4.72 -17.97
CA ASN A 64 1.80 5.80 -16.98
C ASN A 64 3.15 6.51 -17.11
N VAL A 65 3.72 6.56 -18.32
CA VAL A 65 5.04 7.15 -18.49
C VAL A 65 5.02 8.64 -18.12
N GLN A 66 3.95 9.34 -18.48
CA GLN A 66 3.85 10.77 -18.23
C GLN A 66 3.34 11.13 -16.84
N LEU A 67 3.00 10.12 -16.02
CA LEU A 67 2.41 10.40 -14.71
C LEU A 67 3.32 11.30 -13.88
N ASN A 68 4.61 11.00 -13.87
CA ASN A 68 5.57 11.77 -13.08
C ASN A 68 5.59 13.24 -13.48
N SER A 69 5.62 13.52 -14.79
CA SER A 69 5.71 14.90 -15.25
C SER A 69 4.45 15.71 -14.91
N ASN A 70 3.27 15.13 -15.05
CA ASN A 70 2.05 15.85 -14.68
C ASN A 70 1.98 16.05 -13.17
N PHE A 71 2.45 15.08 -12.40
CA PHE A 71 2.46 15.22 -10.96
C PHE A 71 3.39 16.36 -10.54
N LEU A 72 4.57 16.43 -11.12
CA LEU A 72 5.50 17.52 -10.80
C LEU A 72 4.99 18.86 -11.30
N ALA A 73 4.24 18.88 -12.41
CA ALA A 73 3.62 20.13 -12.85
C ALA A 73 2.63 20.65 -11.81
N LEU A 74 1.74 19.78 -11.33
CA LEU A 74 0.84 20.20 -10.26
C LEU A 74 1.62 20.63 -9.02
N ALA A 75 2.72 19.96 -8.72
CA ALA A 75 3.55 20.39 -7.60
C ALA A 75 4.12 21.79 -7.82
N ARG A 76 4.32 22.19 -9.08
CA ARG A 76 4.76 23.55 -9.36
C ARG A 76 3.63 24.57 -9.26
N GLU A 77 2.41 24.18 -9.59
CA GLU A 77 1.28 25.08 -9.39
C GLU A 77 1.05 25.39 -7.90
N LEU A 78 1.18 24.38 -7.03
CA LEU A 78 1.00 24.58 -5.60
C LEU A 78 2.18 25.25 -4.91
N ASP A 79 3.34 25.33 -5.55
CA ASP A 79 4.55 25.87 -4.94
C ASP A 79 4.99 25.08 -3.70
N ILE A 80 5.03 23.76 -3.83
CA ILE A 80 5.33 22.86 -2.72
C ILE A 80 6.56 21.98 -3.01
N MET A 81 7.42 22.38 -3.95
CA MET A 81 8.58 21.58 -4.30
C MET A 81 9.66 21.57 -3.22
N GLU A 82 9.63 22.48 -2.26
CA GLU A 82 10.68 22.51 -1.25
C GLU A 82 10.63 21.25 -0.39
N PRO A 83 11.77 20.60 -0.14
CA PRO A 83 11.77 19.44 0.76
C PRO A 83 11.48 19.81 2.21
N LYS A 84 10.82 18.88 2.91
CA LYS A 84 10.59 18.97 4.35
C LYS A 84 11.44 17.93 5.07
N VAL A 85 12.18 18.35 6.10
CA VAL A 85 12.89 17.39 6.94
C VAL A 85 11.95 16.86 8.02
N PRO A 86 12.23 15.69 8.61
CA PRO A 86 11.28 15.11 9.58
C PRO A 86 10.97 16.00 10.77
N ASP A 87 11.95 16.76 11.25
CA ASP A 87 11.73 17.61 12.42
C ASP A 87 10.68 18.68 12.17
N ASP A 88 10.46 19.05 10.91
CA ASP A 88 9.39 20.00 10.60
C ASP A 88 8.03 19.44 10.98
N ILE A 89 7.86 18.13 10.80
CA ILE A 89 6.57 17.51 11.12
C ILE A 89 6.39 17.44 12.64
N TYR A 90 7.46 17.18 13.37
CA TYR A 90 7.38 17.09 14.83
C TYR A 90 7.01 18.44 15.43
N SER A 108 19.19 7.26 19.13
CA SER A 108 19.00 5.82 19.15
C SER A 108 18.56 5.31 17.77
N ALA A 109 18.76 4.01 17.54
CA ALA A 109 18.37 3.41 16.28
C ALA A 109 16.88 3.53 16.03
N ARG A 110 16.06 3.41 17.07
CA ARG A 110 14.62 3.46 16.91
C ARG A 110 14.16 4.79 16.33
N MET A 111 14.71 5.90 16.81
CA MET A 111 14.24 7.20 16.33
C MET A 111 14.84 7.56 14.97
N ASN A 112 16.05 7.12 14.67
CA ASN A 112 16.56 7.32 13.32
C ASN A 112 15.76 6.52 12.31
N LEU A 113 15.34 5.31 12.66
CA LEU A 113 14.44 4.55 11.80
C LEU A 113 13.13 5.29 11.59
N ALA A 114 12.54 5.79 12.68
CA ALA A 114 11.33 6.59 12.58
C ALA A 114 11.53 7.77 11.62
N SER A 115 12.64 8.49 11.79
CA SER A 115 12.91 9.65 10.93
C SER A 115 13.05 9.25 9.47
N SER A 116 13.67 8.11 9.19
CA SER A 116 13.81 7.67 7.81
C SER A 116 12.45 7.38 7.18
N PHE A 117 11.58 6.67 7.90
CA PHE A 117 10.27 6.40 7.35
C PHE A 117 9.45 7.67 7.18
N VAL A 118 9.50 8.58 8.15
CA VAL A 118 8.82 9.87 8.02
C VAL A 118 9.31 10.62 6.78
N ASN A 119 10.64 10.72 6.63
CA ASN A 119 11.21 11.44 5.51
C ASN A 119 10.75 10.85 4.18
N GLY A 120 10.75 9.53 4.07
CA GLY A 120 10.28 8.92 2.84
C GLY A 120 8.80 9.17 2.58
N PHE A 121 7.97 9.07 3.63
CA PHE A 121 6.54 9.28 3.45
C PHE A 121 6.20 10.70 3.02
N VAL A 122 6.83 11.70 3.64
CA VAL A 122 6.42 13.08 3.37
C VAL A 122 6.88 13.51 1.98
N ASN A 123 8.09 13.15 1.60
CA ASN A 123 8.69 13.58 0.34
C ASN A 123 8.42 12.60 -0.80
N ALA A 124 7.49 11.66 -0.60
CA ALA A 124 7.16 10.67 -1.61
C ALA A 124 6.64 11.32 -2.88
N ALA A 125 7.22 10.93 -4.02
CA ALA A 125 6.86 11.30 -5.37
C ALA A 125 7.45 12.64 -5.81
N PHE A 126 8.11 13.39 -4.93
CA PHE A 126 8.92 14.52 -5.32
C PHE A 126 10.37 14.10 -5.13
N GLY A 127 11.15 14.11 -6.20
CA GLY A 127 12.49 13.56 -6.09
C GLY A 127 13.47 14.55 -5.51
N GLN A 128 13.26 14.90 -4.25
CA GLN A 128 14.09 15.85 -3.55
C GLN A 128 14.15 15.43 -2.09
N ASP A 129 15.25 15.75 -1.42
CA ASP A 129 15.41 15.33 -0.04
C ASP A 129 16.60 16.05 0.55
N LYS A 130 16.55 16.28 1.87
CA LYS A 130 17.69 16.84 2.60
C LYS A 130 18.48 15.82 3.41
N LEU A 131 18.03 14.56 3.46
CA LEU A 131 18.76 13.51 4.17
C LEU A 131 19.57 12.68 3.18
N LEU A 132 18.90 12.10 2.19
CA LEU A 132 19.53 11.36 1.10
C LEU A 132 19.92 12.39 0.04
N THR A 133 21.02 13.06 0.31
CA THR A 133 21.54 14.18 -0.45
C THR A 133 22.35 13.59 -1.61
N ASP A 134 23.30 14.32 -2.19
CA ASP A 134 24.17 13.71 -3.18
C ASP A 134 24.92 12.55 -2.56
N ASP A 135 25.42 12.72 -1.33
CA ASP A 135 26.05 11.64 -0.58
C ASP A 135 25.10 11.29 0.56
N GLY A 136 24.53 10.09 0.50
CA GLY A 136 23.67 9.54 1.52
C GLY A 136 24.33 8.68 2.57
N ASN A 137 25.63 8.42 2.43
CA ASN A 137 26.32 7.61 3.42
C ASN A 137 26.24 8.23 4.82
N LYS A 138 26.31 9.56 4.90
CA LYS A 138 26.24 10.21 6.21
C LYS A 138 24.96 9.86 6.95
N TRP A 139 23.84 9.66 6.25
CA TRP A 139 22.63 9.19 6.91
C TRP A 139 22.60 7.68 7.06
N LEU A 140 22.99 6.94 6.03
CA LEU A 140 22.89 5.49 6.09
C LEU A 140 23.70 4.91 7.24
N TYR A 141 24.94 5.38 7.43
CA TYR A 141 25.78 4.88 8.51
C TYR A 141 25.44 5.44 9.88
N LYS A 142 24.45 6.31 10.03
CA LYS A 142 23.92 6.53 11.38
C LYS A 142 22.90 5.50 11.78
N ASN A 143 22.51 4.62 10.86
CA ASN A 143 21.64 3.49 11.10
C ASN A 143 22.48 2.22 11.21
N LYS A 144 21.88 1.17 11.74
CA LYS A 144 22.58 -0.10 11.88
C LYS A 144 21.66 -1.23 11.47
N ASP A 145 22.26 -2.26 10.88
CA ASP A 145 21.61 -3.53 10.52
C ASP A 145 20.39 -3.24 9.64
N HIS A 146 19.20 -3.76 9.98
CA HIS A 146 18.04 -3.66 9.12
C HIS A 146 17.53 -2.23 8.98
N GLY A 147 17.71 -1.41 10.00
CA GLY A 147 17.30 -0.03 9.86
C GLY A 147 18.04 0.66 8.74
N MET A 148 19.26 0.25 8.48
CA MET A 148 20.03 0.75 7.34
C MET A 148 19.49 0.21 6.03
N LEU A 149 18.94 -1.00 6.04
CA LEU A 149 18.27 -1.53 4.85
C LEU A 149 17.03 -0.69 4.51
N SER A 150 16.17 -0.44 5.50
CA SER A 150 14.99 0.39 5.25
C SER A 150 15.35 1.84 4.95
N ALA A 151 16.43 2.36 5.51
CA ALA A 151 16.90 3.69 5.13
C ALA A 151 17.25 3.73 3.64
N ALA A 152 18.05 2.77 3.19
CA ALA A 152 18.39 2.74 1.77
C ALA A 152 17.14 2.54 0.90
N ALA A 153 16.16 1.79 1.39
CA ALA A 153 14.93 1.60 0.63
C ALA A 153 14.11 2.87 0.51
N SER A 154 14.23 3.79 1.48
CA SER A 154 13.41 4.99 1.43
C SER A 154 13.76 5.90 0.25
N LEU A 155 15.01 5.83 -0.21
CA LEU A 155 15.42 6.61 -1.37
C LEU A 155 14.53 6.32 -2.57
N GLY A 156 14.21 5.06 -2.80
CA GLY A 156 13.34 4.70 -3.91
C GLY A 156 11.91 5.15 -3.74
N MET A 157 11.47 5.35 -2.50
CA MET A 157 10.16 5.90 -2.26
C MET A 157 10.09 7.39 -2.53
N ILE A 158 11.17 8.12 -2.24
CA ILE A 158 11.20 9.53 -2.58
C ILE A 158 11.18 9.73 -4.09
N LEU A 159 11.86 8.86 -4.84
CA LEU A 159 11.95 8.93 -6.30
C LEU A 159 10.84 8.14 -7.01
N LEU A 160 9.71 7.92 -6.37
CA LEU A 160 8.64 7.12 -6.96
C LEU A 160 8.20 7.63 -8.32
N TRP A 161 7.96 6.69 -9.24
CA TRP A 161 7.55 6.93 -10.63
C TRP A 161 8.57 7.64 -11.51
N ASP A 162 9.72 8.03 -10.95
CA ASP A 162 10.81 8.59 -11.76
C ASP A 162 11.82 7.46 -12.00
N VAL A 163 11.55 6.64 -13.01
CA VAL A 163 12.38 5.46 -13.25
C VAL A 163 13.79 5.85 -13.64
N ASP A 164 13.93 6.72 -14.65
CA ASP A 164 15.25 7.08 -15.13
C ASP A 164 16.06 7.81 -14.06
N GLY A 165 15.50 8.88 -13.49
CA GLY A 165 16.20 9.61 -12.45
C GLY A 165 16.34 8.81 -11.18
N GLY A 166 15.36 7.98 -10.87
CA GLY A 166 15.44 7.09 -9.73
C GLY A 166 16.63 6.17 -9.84
N LEU A 167 16.74 5.40 -10.93
CA LEU A 167 17.87 4.50 -11.09
C LEU A 167 19.18 5.26 -11.15
N THR A 168 19.20 6.42 -11.80
CA THR A 168 20.43 7.22 -11.82
C THR A 168 20.88 7.57 -10.42
N GLN A 169 19.95 7.80 -9.49
CA GLN A 169 20.35 8.11 -8.13
C GLN A 169 20.70 6.87 -7.33
N ILE A 170 19.98 5.77 -7.53
CA ILE A 170 20.18 4.56 -6.74
C ILE A 170 21.47 3.83 -7.12
N ASP A 171 21.88 3.91 -8.39
CA ASP A 171 22.90 3.01 -8.93
C ASP A 171 24.18 2.96 -8.10
N LYS A 172 24.59 4.08 -7.50
CA LYS A 172 25.84 4.05 -6.74
C LYS A 172 25.79 3.06 -5.58
N TYR A 173 24.63 2.86 -4.96
CA TYR A 173 24.52 1.98 -3.80
C TYR A 173 24.41 0.51 -4.15
N LEU A 174 24.09 0.18 -5.41
CA LEU A 174 24.09 -1.23 -5.81
C LEU A 174 25.46 -1.87 -5.76
N TYR A 175 26.53 -1.09 -5.58
CA TYR A 175 27.89 -1.61 -5.57
C TYR A 175 28.52 -1.48 -4.19
N SER A 176 27.69 -1.29 -3.17
CA SER A 176 28.17 -1.10 -1.81
C SER A 176 28.71 -2.40 -1.22
N SER A 177 29.77 -2.28 -0.42
CA SER A 177 30.34 -3.43 0.27
C SER A 177 29.43 -3.92 1.39
N GLU A 178 28.60 -3.03 1.94
CA GLU A 178 27.68 -3.36 3.02
C GLU A 178 26.44 -4.02 2.43
N ASP A 179 26.14 -5.25 2.88
CA ASP A 179 25.05 -6.04 2.32
C ASP A 179 23.67 -5.48 2.64
N TYR A 180 23.48 -4.88 3.82
CA TYR A 180 22.17 -4.29 4.13
C TYR A 180 21.87 -3.09 3.23
N ILE A 181 22.88 -2.25 2.97
CA ILE A 181 22.68 -1.13 2.07
C ILE A 181 22.37 -1.62 0.65
N LYS A 182 23.09 -2.65 0.19
CA LYS A 182 22.82 -3.19 -1.14
C LYS A 182 21.43 -3.79 -1.24
N SER A 183 20.98 -4.48 -0.19
CA SER A 183 19.63 -5.03 -0.18
C SER A 183 18.58 -3.93 -0.22
N GLY A 184 18.83 -2.84 0.51
CA GLY A 184 17.89 -1.74 0.48
C GLY A 184 17.86 -1.04 -0.87
N ALA A 185 19.01 -0.94 -1.52
CA ALA A 185 19.06 -0.39 -2.87
C ALA A 185 18.32 -1.29 -3.86
N LEU A 186 18.42 -2.60 -3.71
CA LEU A 186 17.63 -3.50 -4.55
C LEU A 186 16.13 -3.28 -4.35
N LEU A 187 15.70 -3.17 -3.10
CA LEU A 187 14.29 -2.90 -2.86
C LEU A 187 13.85 -1.55 -3.41
N ALA A 188 14.66 -0.51 -3.21
CA ALA A 188 14.39 0.80 -3.80
C ALA A 188 14.25 0.73 -5.31
N CYS A 189 15.19 0.04 -5.97
CA CYS A 189 15.13 -0.15 -7.41
C CYS A 189 13.83 -0.81 -7.83
N GLY A 190 13.33 -1.74 -7.02
CA GLY A 190 11.99 -2.26 -7.27
C GLY A 190 10.88 -1.25 -7.06
N ILE A 191 10.97 -0.46 -6.00
CA ILE A 191 9.92 0.50 -5.66
C ILE A 191 9.74 1.53 -6.77
N VAL A 192 10.83 2.08 -7.29
CA VAL A 192 10.72 3.10 -8.32
C VAL A 192 10.06 2.58 -9.59
N ASN A 193 9.95 1.28 -9.76
CA ASN A 193 9.30 0.69 -10.93
C ASN A 193 7.84 0.34 -10.70
N SER A 194 7.31 0.56 -9.51
CA SER A 194 5.91 0.28 -9.22
C SER A 194 4.99 1.22 -9.99
N GLY A 195 3.95 0.65 -10.60
CA GLY A 195 2.93 1.41 -11.29
C GLY A 195 3.30 2.04 -12.62
N VAL A 196 4.57 2.02 -13.02
CA VAL A 196 5.01 2.80 -14.17
C VAL A 196 5.38 1.94 -15.37
N ARG A 197 5.36 0.62 -15.25
CA ARG A 197 5.31 -0.31 -16.39
C ARG A 197 6.25 0.11 -17.53
N ASN A 198 7.47 0.48 -17.16
CA ASN A 198 8.43 0.99 -18.14
C ASN A 198 8.87 -0.09 -19.11
N GLU A 199 8.83 0.21 -20.41
CA GLU A 199 9.09 -0.80 -21.45
C GLU A 199 10.57 -1.07 -21.65
N CYS A 200 11.22 -1.54 -20.59
CA CYS A 200 12.64 -1.89 -20.69
C CYS A 200 12.98 -3.04 -19.76
N ASP A 201 12.11 -3.32 -18.79
CA ASP A 201 12.36 -4.29 -17.73
C ASP A 201 13.71 -4.06 -17.04
N PRO A 202 14.05 -2.83 -16.69
CA PRO A 202 15.32 -2.61 -16.00
C PRO A 202 15.38 -3.29 -14.64
N ALA A 203 14.25 -3.39 -13.94
CA ALA A 203 14.23 -4.05 -12.64
C ALA A 203 14.54 -5.54 -12.74
N LEU A 204 13.98 -6.23 -13.73
CA LEU A 204 14.29 -7.65 -13.89
C LEU A 204 15.76 -7.88 -14.19
N ALA A 205 16.34 -7.02 -15.04
CA ALA A 205 17.76 -7.12 -15.33
C ALA A 205 18.62 -6.83 -14.11
N LEU A 206 18.23 -5.87 -13.27
CA LEU A 206 19.09 -5.50 -12.15
C LEU A 206 18.96 -6.44 -10.96
N LEU A 207 17.75 -6.91 -10.66
CA LEU A 207 17.49 -7.65 -9.43
C LEU A 207 17.63 -9.16 -9.54
N SER A 208 17.48 -9.72 -10.75
CA SER A 208 17.28 -11.16 -10.91
C SER A 208 18.49 -12.02 -10.55
N ASP A 209 19.69 -11.46 -10.42
CA ASP A 209 20.83 -12.27 -9.99
C ASP A 209 20.87 -12.53 -8.49
N PHE A 210 20.09 -11.84 -7.66
CA PHE A 210 20.18 -12.01 -6.22
C PHE A 210 19.07 -12.85 -5.63
N VAL A 211 18.11 -13.33 -6.43
CA VAL A 211 17.01 -14.09 -5.86
C VAL A 211 17.50 -15.42 -5.28
N LEU A 212 18.63 -15.95 -5.78
CA LEU A 212 19.27 -17.11 -5.18
C LEU A 212 20.66 -16.77 -4.67
N HIS A 213 20.87 -15.53 -4.24
CA HIS A 213 22.14 -15.14 -3.64
C HIS A 213 22.38 -15.96 -2.37
N ASN A 214 23.65 -16.02 -1.98
CA ASN A 214 24.03 -16.76 -0.78
C ASN A 214 23.46 -16.11 0.49
N SER A 215 23.47 -14.79 0.54
CA SER A 215 22.90 -14.05 1.66
C SER A 215 21.38 -14.00 1.58
N ASN A 216 20.71 -14.41 2.66
CA ASN A 216 19.26 -14.35 2.70
C ASN A 216 18.73 -12.92 2.70
N THR A 217 19.48 -11.98 3.28
CA THR A 217 19.02 -10.59 3.28
C THR A 217 18.96 -10.06 1.85
N MET A 218 19.91 -10.46 1.02
CA MET A 218 19.88 -10.06 -0.37
C MET A 218 18.66 -10.65 -1.05
N ARG A 219 18.34 -11.90 -0.70
CA ARG A 219 17.18 -12.55 -1.29
C ARG A 219 15.90 -11.81 -0.93
N LEU A 220 15.80 -11.36 0.32
CA LEU A 220 14.61 -10.62 0.72
C LEU A 220 14.48 -9.34 -0.08
N GLY A 221 15.59 -8.60 -0.19
CA GLY A 221 15.50 -7.33 -0.90
C GLY A 221 15.14 -7.51 -2.36
N SER A 222 15.80 -8.46 -3.03
CA SER A 222 15.55 -8.69 -4.44
C SER A 222 14.13 -9.19 -4.68
N ILE A 223 13.64 -10.10 -3.83
CA ILE A 223 12.34 -10.70 -4.08
C ILE A 223 11.22 -9.72 -3.77
N PHE A 224 11.33 -8.96 -2.68
CA PHE A 224 10.30 -7.97 -2.39
C PHE A 224 10.29 -6.86 -3.44
N GLY A 225 11.48 -6.43 -3.89
CA GLY A 225 11.55 -5.47 -4.97
C GLY A 225 10.92 -5.95 -6.26
N LEU A 226 11.22 -7.19 -6.66
CA LEU A 226 10.60 -7.75 -7.86
C LEU A 226 9.09 -7.89 -7.70
N GLY A 227 8.63 -8.27 -6.51
CA GLY A 227 7.21 -8.34 -6.26
C GLY A 227 6.50 -7.02 -6.40
N LEU A 228 7.12 -5.94 -5.92
CA LEU A 228 6.50 -4.63 -6.04
C LEU A 228 6.61 -4.08 -7.47
N ALA A 229 7.71 -4.37 -8.17
CA ALA A 229 7.86 -3.87 -9.53
C ALA A 229 6.91 -4.51 -10.51
N TYR A 230 6.46 -5.74 -10.25
CA TYR A 230 5.64 -6.48 -11.20
C TYR A 230 4.28 -6.87 -10.64
N ALA A 231 3.79 -6.15 -9.63
CA ALA A 231 2.55 -6.53 -8.98
C ALA A 231 1.36 -6.54 -9.92
N GLY A 232 1.40 -5.75 -10.99
CA GLY A 232 0.24 -5.66 -11.86
C GLY A 232 -0.07 -6.95 -12.60
N SER A 233 0.92 -7.49 -13.31
CA SER A 233 0.68 -8.54 -14.27
C SER A 233 1.36 -9.83 -13.85
N ASN A 234 0.71 -10.95 -14.15
CA ASN A 234 1.28 -12.26 -13.84
C ASN A 234 2.23 -12.65 -14.96
N ARG A 235 3.40 -12.03 -14.94
CA ARG A 235 4.44 -12.34 -15.91
C ARG A 235 4.89 -13.77 -15.71
N GLU A 236 4.94 -14.54 -16.81
CA GLU A 236 5.34 -15.93 -16.69
C GLU A 236 6.83 -16.07 -16.41
N ASP A 237 7.66 -15.18 -16.96
CA ASP A 237 9.09 -15.26 -16.72
C ASP A 237 9.45 -14.89 -15.28
N VAL A 238 8.85 -13.81 -14.76
CA VAL A 238 9.15 -13.42 -13.39
C VAL A 238 8.68 -14.48 -12.40
N LEU A 239 7.52 -15.08 -12.66
CA LEU A 239 7.03 -16.16 -11.81
C LEU A 239 7.90 -17.40 -11.91
N THR A 240 8.34 -17.77 -13.11
CA THR A 240 9.23 -18.91 -13.25
C THR A 240 10.56 -18.65 -12.55
N LEU A 241 11.04 -17.41 -12.56
CA LEU A 241 12.24 -17.05 -11.81
C LEU A 241 12.04 -17.22 -10.31
N LEU A 242 10.90 -16.74 -9.79
CA LEU A 242 10.72 -16.67 -8.34
C LEU A 242 10.26 -17.99 -7.72
N LEU A 243 9.38 -18.72 -8.37
CA LEU A 243 8.77 -19.89 -7.74
C LEU A 243 9.77 -20.92 -7.22
N PRO A 244 10.91 -21.16 -7.87
CA PRO A 244 11.91 -22.05 -7.26
C PRO A 244 12.40 -21.65 -5.88
N VAL A 245 12.33 -20.37 -5.51
CA VAL A 245 12.95 -19.94 -4.26
C VAL A 245 12.21 -20.42 -3.01
N MET A 246 10.92 -20.74 -3.10
CA MET A 246 10.25 -21.34 -1.93
C MET A 246 10.70 -22.77 -1.66
N GLY A 247 11.30 -23.44 -2.64
CA GLY A 247 11.71 -24.82 -2.43
C GLY A 247 13.19 -24.95 -2.15
N ASP A 248 13.92 -23.83 -2.23
CA ASP A 248 15.36 -23.86 -1.96
C ASP A 248 15.60 -24.21 -0.51
N SER A 249 16.47 -25.20 -0.27
CA SER A 249 16.81 -25.61 1.08
C SER A 249 17.53 -24.54 1.88
N LYS A 250 18.17 -23.58 1.21
CA LYS A 250 18.80 -22.45 1.89
C LYS A 250 17.83 -21.33 2.26
N SER A 251 16.62 -21.33 1.71
CA SER A 251 15.64 -20.29 2.02
C SER A 251 15.13 -20.41 3.45
N SER A 252 15.25 -19.33 4.21
CA SER A 252 14.60 -19.19 5.49
C SER A 252 13.08 -19.17 5.33
N MET A 253 12.38 -19.37 6.45
CA MET A 253 10.92 -19.19 6.45
C MET A 253 10.55 -17.77 6.08
N GLU A 254 11.36 -16.78 6.47
CA GLU A 254 11.12 -15.41 6.04
C GLU A 254 11.25 -15.29 4.52
N VAL A 255 12.20 -15.99 3.93
CA VAL A 255 12.39 -15.92 2.48
C VAL A 255 11.27 -16.65 1.76
N ALA A 256 10.83 -17.80 2.28
CA ALA A 256 9.69 -18.48 1.69
C ALA A 256 8.43 -17.62 1.75
N GLY A 257 8.19 -16.99 2.91
CA GLY A 257 7.05 -16.10 3.03
C GLY A 257 7.11 -14.92 2.08
N VAL A 258 8.25 -14.23 2.03
CA VAL A 258 8.41 -13.12 1.12
C VAL A 258 8.21 -13.57 -0.33
N THR A 259 8.67 -14.77 -0.67
CA THR A 259 8.47 -15.28 -2.03
C THR A 259 7.00 -15.52 -2.31
N ALA A 260 6.26 -16.06 -1.35
CA ALA A 260 4.83 -16.23 -1.57
C ALA A 260 4.12 -14.89 -1.69
N LEU A 261 4.53 -13.89 -0.92
CA LEU A 261 3.96 -12.55 -1.07
C LEU A 261 4.22 -11.98 -2.45
N ALA A 262 5.47 -12.05 -2.91
CA ALA A 262 5.82 -11.53 -4.22
C ALA A 262 5.03 -12.25 -5.32
N CYS A 263 5.01 -13.58 -5.30
CA CYS A 263 4.29 -14.33 -6.32
C CYS A 263 2.79 -14.04 -6.30
N GLY A 264 2.19 -13.92 -5.11
CA GLY A 264 0.78 -13.58 -5.04
C GLY A 264 0.46 -12.17 -5.46
N MET A 265 1.35 -11.22 -5.19
CA MET A 265 1.19 -9.86 -5.72
C MET A 265 1.28 -9.85 -7.24
N ILE A 266 2.32 -10.48 -7.79
CA ILE A 266 2.46 -10.54 -9.25
C ILE A 266 1.27 -11.26 -9.87
N ALA A 267 0.82 -12.36 -9.26
CA ALA A 267 -0.29 -13.14 -9.78
C ALA A 267 -1.63 -12.78 -9.18
N VAL A 268 -1.76 -11.61 -8.55
CA VAL A 268 -2.97 -11.26 -7.82
C VAL A 268 -4.20 -11.44 -8.71
N GLY A 269 -5.20 -12.13 -8.19
CA GLY A 269 -6.47 -12.37 -8.86
C GLY A 269 -6.43 -13.20 -10.12
N SER A 270 -5.29 -13.80 -10.47
CA SER A 270 -5.15 -14.47 -11.76
C SER A 270 -5.56 -15.93 -11.75
N CYS A 271 -5.70 -16.56 -10.58
CA CYS A 271 -5.89 -18.01 -10.49
C CYS A 271 -4.77 -18.78 -11.19
N ASN A 272 -3.55 -18.27 -11.10
CA ASN A 272 -2.42 -18.97 -11.70
C ASN A 272 -2.22 -20.30 -11.00
N GLY A 273 -2.25 -21.39 -11.77
CA GLY A 273 -2.15 -22.72 -11.18
C GLY A 273 -0.79 -23.07 -10.63
N ASP A 274 0.27 -22.54 -11.24
CA ASP A 274 1.61 -22.88 -10.76
C ASP A 274 1.91 -22.24 -9.40
N VAL A 275 1.38 -21.04 -9.16
CA VAL A 275 1.52 -20.44 -7.84
C VAL A 275 0.77 -21.26 -6.81
N THR A 276 -0.47 -21.63 -7.12
CA THR A 276 -1.27 -22.44 -6.21
C THR A 276 -0.53 -23.71 -5.81
N SER A 277 -0.12 -24.49 -6.81
CA SER A 277 0.54 -25.77 -6.53
C SER A 277 1.86 -25.59 -5.79
N THR A 278 2.67 -24.60 -6.19
CA THR A 278 3.94 -24.40 -5.49
C THR A 278 3.73 -24.03 -4.02
N ILE A 279 2.76 -23.17 -3.74
CA ILE A 279 2.50 -22.81 -2.34
C ILE A 279 1.99 -24.00 -1.56
N LEU A 280 1.06 -24.76 -2.15
CA LEU A 280 0.54 -25.92 -1.43
C LEU A 280 1.64 -26.93 -1.14
N GLN A 281 2.54 -27.16 -2.09
CA GLN A 281 3.69 -28.01 -1.83
C GLN A 281 4.55 -27.48 -0.69
N THR A 282 4.79 -26.17 -0.67
CA THR A 282 5.60 -25.60 0.41
C THR A 282 4.93 -25.72 1.76
N ILE A 283 3.59 -25.67 1.82
CA ILE A 283 2.89 -25.96 3.07
C ILE A 283 3.04 -27.41 3.46
N MET A 284 2.79 -28.32 2.51
CA MET A 284 2.79 -29.75 2.84
C MET A 284 4.14 -30.25 3.31
N GLU A 285 5.23 -29.59 2.90
CA GLU A 285 6.56 -30.00 3.35
C GLU A 285 6.88 -29.58 4.78
N LYS A 286 6.24 -28.54 5.30
CA LYS A 286 6.69 -27.93 6.54
C LYS A 286 6.23 -28.73 7.75
N SER A 287 7.13 -28.84 8.73
CA SER A 287 6.81 -29.53 9.98
C SER A 287 5.72 -28.80 10.75
N GLU A 288 4.96 -29.57 11.53
CA GLU A 288 4.01 -29.01 12.48
C GLU A 288 4.70 -28.09 13.49
N THR A 289 6.01 -28.26 13.70
CA THR A 289 6.76 -27.36 14.55
C THR A 289 7.14 -26.06 13.85
N GLU A 290 7.31 -26.10 12.52
CA GLU A 290 7.73 -24.91 11.78
C GLU A 290 6.57 -24.01 11.39
N LEU A 291 5.41 -24.60 11.09
CA LEU A 291 4.22 -23.83 10.79
C LEU A 291 3.74 -22.98 11.97
N LYS A 292 4.40 -23.08 13.12
CA LYS A 292 4.15 -22.12 14.19
C LYS A 292 4.87 -20.80 13.98
N ASP A 293 5.92 -20.77 13.16
CA ASP A 293 6.62 -19.52 12.89
C ASP A 293 5.72 -18.56 12.14
N THR A 294 5.63 -17.32 12.62
CA THR A 294 4.61 -16.40 12.12
C THR A 294 4.90 -15.88 10.72
N TYR A 295 6.14 -15.99 10.22
CA TYR A 295 6.35 -15.79 8.79
C TYR A 295 5.59 -16.81 7.97
N ALA A 296 5.20 -17.93 8.55
CA ALA A 296 4.38 -18.89 7.84
C ALA A 296 3.02 -18.30 7.49
N ARG A 297 2.59 -17.28 8.23
CA ARG A 297 1.32 -16.64 7.89
C ARG A 297 1.38 -15.98 6.52
N TRP A 298 2.58 -15.59 6.08
CA TRP A 298 2.73 -15.05 4.74
C TRP A 298 2.53 -16.10 3.65
N LEU A 299 2.60 -17.39 3.97
CA LEU A 299 2.38 -18.41 2.94
C LEU A 299 0.94 -18.43 2.44
N PRO A 300 -0.08 -18.58 3.29
CA PRO A 300 -1.46 -18.52 2.79
C PRO A 300 -1.91 -17.13 2.36
N LEU A 301 -1.28 -16.06 2.82
CA LEU A 301 -1.64 -14.73 2.31
C LEU A 301 -1.38 -14.65 0.81
N GLY A 302 -0.18 -15.02 0.39
CA GLY A 302 0.09 -15.13 -1.02
C GLY A 302 -0.89 -16.03 -1.73
N LEU A 303 -1.35 -17.08 -1.05
CA LEU A 303 -2.35 -17.94 -1.67
C LEU A 303 -3.66 -17.21 -1.86
N GLY A 304 -4.11 -16.48 -0.83
CA GLY A 304 -5.34 -15.74 -0.96
C GLY A 304 -5.27 -14.67 -2.01
N LEU A 305 -4.15 -13.95 -2.06
CA LEU A 305 -3.97 -12.95 -3.10
C LEU A 305 -4.12 -13.55 -4.48
N ASN A 306 -3.65 -14.79 -4.66
CA ASN A 306 -3.79 -15.44 -5.96
C ASN A 306 -5.24 -15.67 -6.36
N HIS A 307 -6.17 -15.75 -5.40
CA HIS A 307 -7.58 -15.97 -5.70
C HIS A 307 -8.47 -14.82 -5.24
N LEU A 308 -7.90 -13.65 -4.98
CA LEU A 308 -8.65 -12.52 -4.48
C LEU A 308 -9.88 -12.24 -5.34
N GLY A 309 -11.04 -12.18 -4.68
CA GLY A 309 -12.29 -11.85 -5.31
C GLY A 309 -12.91 -12.88 -6.23
N LYS A 310 -12.38 -14.10 -6.28
CA LYS A 310 -12.92 -15.11 -7.17
C LYS A 310 -14.11 -15.86 -6.59
N GLY A 311 -14.42 -15.67 -5.32
CA GLY A 311 -15.67 -16.17 -4.77
C GLY A 311 -15.77 -17.68 -4.71
N GLU A 312 -16.93 -18.18 -5.13
CA GLU A 312 -17.31 -19.57 -4.89
C GLU A 312 -16.34 -20.57 -5.50
N ALA A 313 -15.47 -20.14 -6.42
CA ALA A 313 -14.48 -21.04 -6.98
C ALA A 313 -13.48 -21.53 -5.94
N ILE A 314 -13.40 -20.89 -4.78
CA ILE A 314 -12.35 -21.23 -3.82
C ILE A 314 -12.54 -22.58 -3.14
N GLU A 315 -13.72 -23.20 -3.25
CA GLU A 315 -13.94 -24.45 -2.54
C GLU A 315 -12.92 -25.52 -2.94
N ALA A 316 -12.52 -25.53 -4.20
CA ALA A 316 -11.60 -26.55 -4.67
C ALA A 316 -10.31 -26.55 -3.86
N ILE A 317 -9.84 -25.36 -3.47
CA ILE A 317 -8.60 -25.31 -2.71
C ILE A 317 -8.85 -25.57 -1.22
N LEU A 318 -10.01 -25.16 -0.70
CA LEU A 318 -10.32 -25.46 0.70
C LEU A 318 -10.25 -26.96 1.01
N ALA A 319 -10.61 -27.81 0.06
CA ALA A 319 -10.48 -29.25 0.28
C ALA A 319 -9.03 -29.70 0.32
N ALA A 320 -8.15 -29.07 -0.48
CA ALA A 320 -6.75 -29.47 -0.46
C ALA A 320 -6.06 -29.11 0.84
N LEU A 321 -6.47 -28.02 1.47
CA LEU A 321 -5.94 -27.65 2.77
C LEU A 321 -6.41 -28.57 3.90
N GLU A 322 -7.28 -29.54 3.62
CA GLU A 322 -7.81 -30.37 4.71
C GLU A 322 -6.72 -31.21 5.38
N VAL A 323 -5.64 -31.53 4.67
CA VAL A 323 -4.59 -32.37 5.24
C VAL A 323 -3.66 -31.61 6.19
N VAL A 324 -3.66 -30.28 6.16
CA VAL A 324 -2.71 -29.49 6.92
C VAL A 324 -3.01 -29.56 8.42
N SER A 325 -1.96 -29.44 9.22
CA SER A 325 -2.07 -29.49 10.68
C SER A 325 -3.22 -28.62 11.17
N GLU A 326 -3.86 -29.07 12.25
CA GLU A 326 -5.08 -28.42 12.72
C GLU A 326 -4.90 -26.97 13.16
N PRO A 327 -3.87 -26.58 13.90
CA PRO A 327 -3.77 -25.16 14.31
C PRO A 327 -3.56 -24.21 13.14
N PHE A 328 -2.65 -24.57 12.22
CA PHE A 328 -2.40 -23.75 11.04
C PHE A 328 -3.59 -23.76 10.09
N ARG A 329 -4.34 -24.86 10.07
CA ARG A 329 -5.46 -25.02 9.15
C ARG A 329 -6.50 -23.93 9.35
N SER A 330 -6.85 -23.62 10.60
CA SER A 330 -7.87 -22.60 10.83
C SER A 330 -7.46 -21.26 10.23
N PHE A 331 -6.20 -20.89 10.40
CA PHE A 331 -5.73 -19.60 9.89
C PHE A 331 -5.71 -19.61 8.37
N ALA A 332 -5.11 -20.64 7.77
CA ALA A 332 -5.01 -20.69 6.32
C ALA A 332 -6.40 -20.70 5.68
N ASN A 333 -7.29 -21.54 6.17
CA ASN A 333 -8.63 -21.63 5.61
C ASN A 333 -9.36 -20.30 5.73
N THR A 334 -9.28 -19.66 6.90
CA THR A 334 -9.99 -18.39 7.08
C THR A 334 -9.45 -17.32 6.15
N LEU A 335 -8.12 -17.16 6.11
CA LEU A 335 -7.54 -16.09 5.32
C LEU A 335 -7.81 -16.28 3.83
N VAL A 336 -7.66 -17.51 3.33
CA VAL A 336 -7.88 -17.74 1.90
C VAL A 336 -9.35 -17.53 1.55
N ASP A 337 -10.25 -17.93 2.44
CA ASP A 337 -11.68 -17.78 2.15
C ASP A 337 -12.09 -16.32 2.14
N VAL A 338 -11.64 -15.54 3.14
CA VAL A 338 -12.02 -14.13 3.16
C VAL A 338 -11.33 -13.34 2.04
N CYS A 339 -10.16 -13.79 1.56
CA CYS A 339 -9.60 -13.19 0.35
C CYS A 339 -10.47 -13.47 -0.87
N ALA A 340 -11.01 -14.67 -1.00
CA ALA A 340 -11.82 -14.98 -2.17
C ALA A 340 -13.05 -14.09 -2.28
N TYR A 341 -13.59 -13.62 -1.15
CA TYR A 341 -14.79 -12.82 -1.08
C TYR A 341 -14.54 -11.33 -0.81
N ALA A 342 -13.29 -10.87 -0.88
CA ALA A 342 -12.95 -9.52 -0.43
C ALA A 342 -13.86 -8.44 -1.00
N GLY A 343 -14.26 -8.54 -2.26
CA GLY A 343 -15.11 -7.48 -2.76
C GLY A 343 -16.59 -7.75 -2.69
N SER A 344 -16.96 -8.97 -2.26
CA SER A 344 -18.33 -9.45 -2.40
C SER A 344 -19.34 -8.63 -1.62
N GLY A 345 -19.02 -8.25 -0.39
CA GLY A 345 -20.02 -7.63 0.47
C GLY A 345 -21.15 -8.64 0.65
N ASN A 346 -20.74 -9.87 0.95
CA ASN A 346 -21.64 -11.01 1.12
C ASN A 346 -22.21 -11.04 2.53
N VAL A 347 -23.54 -11.04 2.63
CA VAL A 347 -24.18 -10.98 3.94
C VAL A 347 -23.96 -12.26 4.74
N LEU A 348 -23.86 -13.42 4.08
CA LEU A 348 -23.79 -14.68 4.81
C LEU A 348 -22.39 -14.99 5.32
N LYS A 349 -21.36 -14.69 4.52
CA LYS A 349 -20.00 -14.86 5.02
C LYS A 349 -19.70 -13.95 6.20
N VAL A 350 -20.28 -12.75 6.23
CA VAL A 350 -20.11 -11.87 7.37
C VAL A 350 -20.77 -12.47 8.61
N GLN A 351 -21.95 -13.10 8.44
CA GLN A 351 -22.54 -13.83 9.55
C GLN A 351 -21.65 -14.96 10.03
N GLN A 352 -21.04 -15.69 9.10
CA GLN A 352 -20.14 -16.78 9.51
C GLN A 352 -18.93 -16.26 10.26
N LEU A 353 -18.42 -15.09 9.89
CA LEU A 353 -17.25 -14.53 10.56
C LEU A 353 -17.59 -13.93 11.92
N LEU A 354 -18.78 -13.37 12.08
CA LEU A 354 -19.26 -12.98 13.41
C LEU A 354 -19.54 -14.21 14.26
N HIS A 390 -6.34 -16.43 14.36
CA HIS A 390 -7.52 -17.02 13.72
C HIS A 390 -8.72 -16.09 13.85
N GLN A 391 -8.98 -15.61 15.06
CA GLN A 391 -10.04 -14.61 15.25
C GLN A 391 -9.65 -13.26 14.66
N GLY A 392 -8.36 -12.91 14.74
CA GLY A 392 -7.91 -11.68 14.11
C GLY A 392 -8.15 -11.65 12.62
N VAL A 393 -7.77 -12.72 11.94
CA VAL A 393 -8.02 -12.77 10.50
C VAL A 393 -9.51 -12.79 10.23
N ALA A 394 -10.31 -13.27 11.18
CA ALA A 394 -11.77 -13.26 11.00
C ALA A 394 -12.31 -11.83 10.99
N VAL A 395 -11.89 -11.00 11.93
CA VAL A 395 -12.41 -9.64 11.98
C VAL A 395 -11.82 -8.80 10.85
N LEU A 396 -10.57 -9.04 10.50
CA LEU A 396 -10.01 -8.38 9.32
C LEU A 396 -10.74 -8.80 8.05
N GLY A 397 -11.14 -10.06 7.94
CA GLY A 397 -11.98 -10.49 6.83
C GLY A 397 -13.36 -9.87 6.82
N ILE A 398 -13.92 -9.61 8.00
CA ILE A 398 -15.20 -8.88 8.06
C ILE A 398 -15.03 -7.53 7.40
N ALA A 399 -13.98 -6.80 7.78
CA ALA A 399 -13.76 -5.49 7.16
C ALA A 399 -13.49 -5.62 5.66
N LEU A 400 -12.67 -6.60 5.28
CA LEU A 400 -12.30 -6.78 3.87
C LEU A 400 -13.51 -7.08 3.00
N ILE A 401 -14.49 -7.81 3.53
CA ILE A 401 -15.70 -8.08 2.75
C ILE A 401 -16.65 -6.90 2.80
N ALA A 402 -16.84 -6.28 3.97
CA ALA A 402 -17.85 -5.24 4.13
C ALA A 402 -17.50 -3.95 3.38
N MET A 403 -16.22 -3.67 3.14
CA MET A 403 -15.87 -2.38 2.55
C MET A 403 -16.49 -2.16 1.17
N GLY A 404 -17.05 -3.19 0.53
CA GLY A 404 -17.62 -3.02 -0.80
C GLY A 404 -18.93 -2.28 -0.88
N GLU A 405 -19.64 -2.12 0.24
CA GLU A 405 -20.90 -1.37 0.22
C GLU A 405 -21.10 -0.70 1.57
N GLU A 406 -21.80 0.44 1.56
CA GLU A 406 -21.80 1.35 2.70
C GLU A 406 -22.65 0.90 3.88
N ILE A 407 -23.80 0.26 3.65
CA ILE A 407 -24.62 -0.18 4.77
C ILE A 407 -23.89 -1.26 5.58
N GLY A 408 -23.28 -2.22 4.89
CA GLY A 408 -22.49 -3.22 5.58
C GLY A 408 -21.32 -2.58 6.31
N ALA A 409 -20.71 -1.57 5.71
CA ALA A 409 -19.62 -0.86 6.36
C ALA A 409 -20.06 -0.16 7.64
N GLU A 410 -21.26 0.41 7.67
CA GLU A 410 -21.74 1.04 8.90
C GLU A 410 -22.05 0.00 9.97
N MET A 411 -22.60 -1.15 9.57
CA MET A 411 -22.80 -2.21 10.55
C MET A 411 -21.48 -2.75 11.07
N ALA A 412 -20.48 -2.85 10.19
CA ALA A 412 -19.13 -3.22 10.62
C ALA A 412 -18.56 -2.21 11.60
N LEU A 413 -18.73 -0.92 11.33
CA LEU A 413 -18.23 0.09 12.27
C LEU A 413 -18.84 -0.05 13.64
N ARG A 414 -20.16 -0.31 13.70
CA ARG A 414 -20.78 -0.56 14.99
C ARG A 414 -20.20 -1.79 15.67
N THR A 415 -20.03 -2.88 14.91
CA THR A 415 -19.43 -4.09 15.47
C THR A 415 -18.03 -3.82 16.02
N PHE A 416 -17.20 -3.10 15.27
CA PHE A 416 -15.83 -2.88 15.69
C PHE A 416 -15.77 -2.05 16.96
N GLY A 417 -16.66 -1.05 17.10
CA GLY A 417 -16.72 -0.32 18.35
C GLY A 417 -17.11 -1.22 19.51
N HIS A 418 -18.12 -2.08 19.30
CA HIS A 418 -18.51 -3.02 20.34
C HIS A 418 -17.36 -3.94 20.74
N LEU A 419 -16.62 -4.45 19.77
CA LEU A 419 -15.50 -5.35 20.08
C LEU A 419 -14.37 -4.62 20.81
N LEU A 420 -14.09 -3.38 20.44
CA LEU A 420 -13.06 -2.64 21.18
C LEU A 420 -13.47 -2.36 22.61
N ARG A 421 -14.78 -2.17 22.85
CA ARG A 421 -15.22 -1.88 24.21
C ARG A 421 -15.34 -3.14 25.07
N TYR A 422 -15.94 -4.21 24.54
CA TYR A 422 -16.34 -5.35 25.35
C TYR A 422 -15.86 -6.70 24.82
N GLY A 423 -15.08 -6.73 23.75
CA GLY A 423 -14.61 -7.96 23.14
C GLY A 423 -13.60 -8.76 23.95
N GLU A 424 -13.22 -9.90 23.38
CA GLU A 424 -12.23 -10.78 23.99
C GLU A 424 -10.89 -10.05 24.08
N PRO A 425 -10.14 -10.22 25.18
CA PRO A 425 -8.90 -9.44 25.31
C PRO A 425 -7.93 -9.70 24.18
N THR A 426 -7.89 -10.93 23.67
CA THR A 426 -7.03 -11.28 22.55
C THR A 426 -7.61 -10.81 21.21
N LEU A 427 -8.93 -10.85 21.07
CA LEU A 427 -9.56 -10.53 19.79
C LEU A 427 -9.46 -9.06 19.45
N ARG A 428 -9.42 -8.18 20.45
CA ARG A 428 -9.47 -6.74 20.16
C ARG A 428 -8.18 -6.21 19.55
N ARG A 429 -7.07 -6.95 19.61
CA ARG A 429 -5.83 -6.43 19.04
C ARG A 429 -5.96 -6.17 17.55
N ALA A 430 -6.73 -6.99 16.84
CA ALA A 430 -6.92 -6.80 15.42
C ALA A 430 -8.01 -5.79 15.09
N VAL A 431 -8.88 -5.46 16.05
CA VAL A 431 -10.04 -4.62 15.74
C VAL A 431 -9.67 -3.26 15.17
N PRO A 432 -8.67 -2.53 15.69
CA PRO A 432 -8.31 -1.27 15.03
C PRO A 432 -7.76 -1.40 13.62
N LEU A 433 -7.10 -2.51 13.28
CA LEU A 433 -6.60 -2.64 11.92
C LEU A 433 -7.73 -2.80 10.92
N ALA A 434 -8.80 -3.47 11.32
CA ALA A 434 -9.98 -3.53 10.47
C ALA A 434 -10.56 -2.14 10.27
N LEU A 435 -10.54 -1.30 11.30
CA LEU A 435 -10.97 0.07 11.11
C LEU A 435 -10.11 0.80 10.10
N ALA A 436 -8.81 0.52 10.08
CA ALA A 436 -7.99 1.10 9.03
C ALA A 436 -8.46 0.64 7.66
N LEU A 437 -8.67 -0.66 7.48
CA LEU A 437 -8.97 -1.18 6.16
C LEU A 437 -10.25 -0.58 5.61
N ILE A 438 -11.27 -0.43 6.46
CA ILE A 438 -12.56 0.05 5.98
C ILE A 438 -12.59 1.54 5.74
N SER A 439 -11.59 2.29 6.23
CA SER A 439 -11.66 3.75 6.20
C SER A 439 -10.30 4.38 5.92
N VAL A 440 -9.48 3.73 5.10
CA VAL A 440 -8.19 4.31 4.73
C VAL A 440 -8.40 5.61 3.95
N SER A 441 -7.57 6.61 4.26
CA SER A 441 -7.62 7.95 3.64
C SER A 441 -9.01 8.58 3.70
N ASN A 442 -9.72 8.37 4.81
CA ASN A 442 -11.08 8.88 4.98
C ASN A 442 -11.20 9.34 6.43
N PRO A 443 -10.87 10.60 6.71
CA PRO A 443 -10.79 11.01 8.13
C PRO A 443 -12.14 11.32 8.78
N ARG A 444 -12.88 10.27 9.09
CA ARG A 444 -14.14 10.42 9.80
C ARG A 444 -13.84 10.74 11.27
N LEU A 445 -14.71 11.55 11.87
CA LEU A 445 -14.47 12.00 13.24
C LEU A 445 -14.78 10.92 14.27
N ASN A 446 -15.83 10.14 14.07
CA ASN A 446 -16.16 9.08 15.02
C ASN A 446 -15.07 8.03 15.10
N ILE A 447 -14.53 7.63 13.94
CA ILE A 447 -13.48 6.62 13.92
C ILE A 447 -12.24 7.13 14.63
N LEU A 448 -11.85 8.37 14.34
CA LEU A 448 -10.67 8.94 14.97
C LEU A 448 -10.86 9.13 16.47
N ASP A 449 -12.07 9.48 16.90
CA ASP A 449 -12.35 9.58 18.33
C ASP A 449 -12.19 8.22 19.02
N THR A 450 -12.77 7.17 18.42
CA THR A 450 -12.60 5.82 18.97
C THR A 450 -11.13 5.43 19.07
N LEU A 451 -10.38 5.61 17.98
CA LEU A 451 -8.98 5.22 17.99
C LEU A 451 -8.17 6.06 18.97
N SER A 452 -8.50 7.34 19.12
CA SER A 452 -7.80 8.16 20.10
C SER A 452 -8.08 7.68 21.51
N LYS A 453 -9.32 7.25 21.78
CA LYS A 453 -9.63 6.68 23.08
C LYS A 453 -8.76 5.48 23.38
N PHE A 454 -8.69 4.54 22.45
CA PHE A 454 -7.96 3.31 22.71
C PHE A 454 -6.46 3.39 22.44
N SER A 455 -5.95 4.55 22.04
CA SER A 455 -4.50 4.75 21.95
C SER A 455 -3.80 4.79 23.30
N HIS A 456 -4.51 4.56 24.40
CA HIS A 456 -3.92 4.51 25.73
C HIS A 456 -4.12 3.15 26.40
N ASP A 457 -4.55 2.14 25.66
CA ASP A 457 -4.87 0.85 26.27
C ASP A 457 -3.64 0.25 26.94
N ALA A 458 -3.86 -0.36 28.10
CA ALA A 458 -2.79 -1.01 28.84
C ALA A 458 -2.27 -2.26 28.14
N ASP A 459 -3.03 -2.80 27.20
CA ASP A 459 -2.48 -3.81 26.29
C ASP A 459 -1.61 -3.12 25.26
N PRO A 460 -0.31 -3.42 25.18
CA PRO A 460 0.54 -2.68 24.23
C PRO A 460 0.13 -2.83 22.77
N GLU A 461 -0.39 -4.00 22.37
CA GLU A 461 -0.70 -4.21 20.96
C GLU A 461 -1.96 -3.48 20.52
N VAL A 462 -2.95 -3.36 21.40
CA VAL A 462 -4.11 -2.53 21.07
C VAL A 462 -3.67 -1.09 20.84
N SER A 463 -2.78 -0.58 21.70
CA SER A 463 -2.27 0.78 21.54
C SER A 463 -1.53 0.93 20.21
N TYR A 464 -0.56 0.04 19.94
CA TYR A 464 0.20 0.11 18.70
C TYR A 464 -0.73 0.15 17.49
N ASN A 465 -1.70 -0.78 17.45
CA ASN A 465 -2.54 -0.88 16.27
C ASN A 465 -3.49 0.30 16.16
N SER A 466 -3.97 0.85 17.27
CA SER A 466 -4.81 2.04 17.20
C SER A 466 -4.05 3.24 16.67
N ILE A 467 -2.80 3.43 17.09
CA ILE A 467 -2.04 4.57 16.59
C ILE A 467 -1.76 4.41 15.10
N PHE A 468 -1.31 3.23 14.69
CA PHE A 468 -1.11 2.99 13.27
C PHE A 468 -2.39 3.19 12.48
N ALA A 469 -3.53 2.74 13.03
CA ALA A 469 -4.81 2.94 12.36
C ALA A 469 -5.18 4.41 12.24
N MET A 470 -4.81 5.25 13.22
CA MET A 470 -5.04 6.67 13.03
C MET A 470 -4.21 7.20 11.87
N GLY A 471 -2.95 6.79 11.79
CA GLY A 471 -2.13 7.20 10.66
C GLY A 471 -2.68 6.74 9.32
N MET A 472 -3.22 5.53 9.26
CA MET A 472 -3.82 5.02 8.02
C MET A 472 -5.09 5.78 7.64
N VAL A 473 -5.99 5.98 8.61
CA VAL A 473 -7.25 6.67 8.34
C VAL A 473 -7.02 8.08 7.83
N GLY A 474 -6.08 8.80 8.44
CA GLY A 474 -5.74 10.15 8.03
C GLY A 474 -4.70 10.28 6.94
N SER A 475 -4.27 9.19 6.33
CA SER A 475 -3.16 9.25 5.39
C SER A 475 -3.50 10.13 4.18
N GLY A 476 -2.54 10.96 3.79
CA GLY A 476 -2.68 11.79 2.60
C GLY A 476 -3.59 12.97 2.79
N THR A 477 -3.85 13.35 4.03
CA THR A 477 -4.70 14.47 4.38
C THR A 477 -3.95 15.28 5.42
N ASN A 478 -3.96 16.61 5.27
CA ASN A 478 -3.28 17.47 6.21
C ASN A 478 -4.15 17.81 7.41
N ASN A 479 -4.99 16.86 7.82
CA ASN A 479 -6.05 17.10 8.79
C ASN A 479 -5.47 17.66 10.09
N ALA A 480 -5.91 18.86 10.47
CA ALA A 480 -5.28 19.56 11.60
C ALA A 480 -5.70 18.95 12.93
N ARG A 481 -6.94 18.50 13.03
CA ARG A 481 -7.38 17.77 14.23
C ARG A 481 -6.46 16.59 14.50
N LEU A 482 -6.26 15.75 13.49
CA LEU A 482 -5.43 14.56 13.66
C LEU A 482 -3.99 14.92 13.97
N ALA A 483 -3.43 15.90 13.27
CA ALA A 483 -2.06 16.33 13.56
C ALA A 483 -1.91 16.79 15.01
N ALA A 484 -2.89 17.53 15.53
CA ALA A 484 -2.81 17.98 16.92
C ALA A 484 -2.94 16.82 17.90
N MET A 485 -3.86 15.90 17.62
CA MET A 485 -3.96 14.69 18.42
C MET A 485 -2.63 13.95 18.46
N LEU A 486 -2.02 13.73 17.29
CA LEU A 486 -0.76 13.02 17.23
C LEU A 486 0.34 13.75 18.00
N ARG A 487 0.37 15.07 17.95
CA ARG A 487 1.37 15.81 18.70
C ARG A 487 1.19 15.62 20.20
N GLN A 488 -0.06 15.62 20.65
CA GLN A 488 -0.31 15.45 22.08
C GLN A 488 0.04 14.03 22.50
N LEU A 489 -0.38 13.04 21.71
CA LEU A 489 -0.06 11.65 21.98
C LEU A 489 1.45 11.38 21.92
N ALA A 490 2.18 12.14 21.10
CA ALA A 490 3.63 12.07 21.11
C ALA A 490 4.20 12.62 22.41
N GLN A 491 3.56 13.62 22.99
CA GLN A 491 4.01 14.11 24.29
C GLN A 491 3.64 13.13 25.41
N TYR A 492 2.51 12.44 25.28
CA TYR A 492 2.10 11.45 26.27
C TYR A 492 3.00 10.21 26.26
N HIS A 493 3.31 9.68 25.08
CA HIS A 493 4.14 8.48 24.96
C HIS A 493 5.63 8.75 24.88
N ALA A 494 6.09 9.95 25.22
CA ALA A 494 7.51 10.13 25.42
C ALA A 494 8.02 9.20 26.51
N LYS A 495 9.25 8.73 26.36
CA LYS A 495 9.79 7.66 27.20
C LYS A 495 9.07 6.34 26.99
N ASP A 496 8.51 6.11 25.80
CA ASP A 496 7.94 4.81 25.45
C ASP A 496 8.30 4.49 24.00
N PRO A 497 9.40 3.78 23.78
CA PRO A 497 9.97 3.73 22.41
C PRO A 497 9.05 3.15 21.35
N ASN A 498 8.26 2.13 21.67
CA ASN A 498 7.44 1.49 20.63
C ASN A 498 6.22 2.31 20.30
N ASN A 499 5.54 2.84 21.32
CA ASN A 499 4.40 3.72 21.07
C ASN A 499 4.85 5.00 20.37
N LEU A 500 6.00 5.53 20.76
CA LEU A 500 6.53 6.72 20.09
C LEU A 500 6.87 6.41 18.63
N PHE A 501 7.41 5.23 18.35
CA PHE A 501 7.66 4.82 16.97
C PHE A 501 6.37 4.77 16.15
N MET A 502 5.31 4.20 16.72
CA MET A 502 4.03 4.20 16.02
C MET A 502 3.50 5.61 15.82
N VAL A 503 3.71 6.49 16.80
CA VAL A 503 3.27 7.87 16.67
C VAL A 503 3.99 8.57 15.53
N ARG A 504 5.30 8.38 15.42
CA ARG A 504 6.04 8.99 14.32
C ARG A 504 5.58 8.46 12.98
N LEU A 505 5.35 7.15 12.87
CA LEU A 505 4.81 6.61 11.62
C LEU A 505 3.47 7.24 11.26
N ALA A 506 2.57 7.39 12.23
CA ALA A 506 1.27 7.99 11.93
C ALA A 506 1.40 9.46 11.54
N GLN A 507 2.26 10.20 12.24
CA GLN A 507 2.50 11.60 11.86
C GLN A 507 2.97 11.69 10.41
N GLY A 508 4.00 10.93 10.07
CA GLY A 508 4.46 10.92 8.69
C GLY A 508 3.38 10.54 7.71
N LEU A 509 2.58 9.52 8.04
CA LEU A 509 1.55 9.07 7.11
C LEU A 509 0.46 10.11 6.87
N THR A 510 0.18 10.94 7.87
CA THR A 510 -0.81 11.99 7.69
C THR A 510 -0.38 12.98 6.61
N HIS A 511 0.90 13.32 6.57
CA HIS A 511 1.47 14.28 5.63
C HIS A 511 1.99 13.63 4.34
N LEU A 512 1.57 12.39 4.06
CA LEU A 512 2.05 11.64 2.90
C LEU A 512 1.92 12.46 1.61
N GLY A 513 3.04 12.64 0.93
CA GLY A 513 3.05 13.38 -0.32
C GLY A 513 2.80 14.85 -0.11
N LYS A 514 2.98 15.33 1.11
CA LYS A 514 2.61 16.68 1.50
C LYS A 514 1.14 16.94 1.23
N GLY A 515 0.29 15.91 1.36
CA GLY A 515 -1.12 16.09 1.16
C GLY A 515 -1.65 15.79 -0.22
N THR A 516 -0.81 15.35 -1.15
CA THR A 516 -1.21 15.17 -2.54
C THR A 516 -1.49 13.72 -2.93
N LEU A 517 -1.38 12.76 -2.01
CA LEU A 517 -1.53 11.36 -2.35
C LEU A 517 -2.65 10.72 -1.52
N THR A 518 -3.17 9.60 -2.02
CA THR A 518 -4.17 8.81 -1.31
C THR A 518 -3.76 7.34 -1.29
N LEU A 519 -4.33 6.59 -0.35
CA LEU A 519 -4.19 5.14 -0.32
C LEU A 519 -5.50 4.39 -0.52
N CYS A 520 -6.61 5.07 -0.75
CA CYS A 520 -7.89 4.36 -0.88
C CYS A 520 -7.84 3.40 -2.07
N PRO A 521 -8.37 2.18 -1.92
CA PRO A 521 -8.34 1.24 -3.06
C PRO A 521 -9.33 1.56 -4.16
N TYR A 522 -10.42 2.27 -3.86
CA TYR A 522 -11.44 2.56 -4.85
C TYR A 522 -11.13 3.82 -5.66
N HIS A 523 -11.67 3.86 -6.87
CA HIS A 523 -11.52 4.98 -7.79
C HIS A 523 -12.70 4.96 -8.76
N SER A 524 -12.82 6.03 -9.54
CA SER A 524 -13.87 6.18 -10.53
C SER A 524 -15.27 6.03 -9.91
N ASP A 525 -15.61 7.04 -9.10
CA ASP A 525 -16.91 7.15 -8.45
C ASP A 525 -17.07 6.03 -7.42
N ARG A 526 -15.97 5.60 -6.82
CA ARG A 526 -15.98 4.58 -5.77
C ARG A 526 -16.67 3.30 -6.23
N GLN A 527 -16.47 2.93 -7.49
CA GLN A 527 -17.15 1.77 -8.05
C GLN A 527 -16.20 0.71 -8.58
N LEU A 528 -14.91 1.00 -8.68
CA LEU A 528 -13.90 0.05 -9.14
C LEU A 528 -12.85 -0.10 -8.05
N MET A 529 -12.48 -1.34 -7.74
CA MET A 529 -11.50 -1.64 -6.72
C MET A 529 -10.19 -2.04 -7.38
N SER A 530 -9.10 -1.37 -7.02
CA SER A 530 -7.77 -1.73 -7.49
C SER A 530 -7.24 -2.90 -6.68
N GLN A 531 -7.03 -4.04 -7.34
CA GLN A 531 -6.53 -5.23 -6.67
C GLN A 531 -5.10 -5.08 -6.17
N VAL A 532 -4.26 -4.32 -6.85
CA VAL A 532 -2.89 -4.12 -6.38
C VAL A 532 -2.86 -3.28 -5.11
N ALA A 533 -3.77 -2.31 -4.98
CA ALA A 533 -3.90 -1.57 -3.74
C ALA A 533 -4.34 -2.48 -2.60
N VAL A 534 -5.32 -3.34 -2.85
CA VAL A 534 -5.78 -4.28 -1.84
C VAL A 534 -4.65 -5.21 -1.44
N ALA A 535 -3.87 -5.69 -2.41
CA ALA A 535 -2.77 -6.58 -2.10
C ALA A 535 -1.74 -5.91 -1.19
N GLY A 536 -1.40 -4.64 -1.47
CA GLY A 536 -0.46 -3.95 -0.59
C GLY A 536 -1.01 -3.69 0.79
N LEU A 537 -2.26 -3.23 0.87
CA LEU A 537 -2.87 -2.96 2.18
C LEU A 537 -2.95 -4.24 3.01
N LEU A 538 -3.38 -5.34 2.40
CA LEU A 538 -3.46 -6.61 3.12
C LEU A 538 -2.08 -7.11 3.54
N THR A 539 -1.08 -6.95 2.69
CA THR A 539 0.27 -7.34 3.11
C THR A 539 0.66 -6.62 4.39
N VAL A 540 0.39 -5.31 4.46
CA VAL A 540 0.82 -4.56 5.63
C VAL A 540 -0.02 -4.93 6.86
N LEU A 541 -1.34 -4.96 6.73
CA LEU A 541 -2.18 -5.20 7.89
C LEU A 541 -2.09 -6.64 8.41
N VAL A 542 -1.89 -7.61 7.52
CA VAL A 542 -1.64 -8.96 8.01
C VAL A 542 -0.28 -9.05 8.69
N SER A 543 0.72 -8.30 8.23
CA SER A 543 1.95 -8.26 8.99
C SER A 543 1.77 -7.56 10.33
N PHE A 544 0.83 -6.63 10.43
CA PHE A 544 0.51 -5.99 11.71
C PHE A 544 -0.30 -6.87 12.64
N LEU A 545 -0.86 -7.97 12.16
CA LEU A 545 -1.40 -8.91 13.16
C LEU A 545 -0.31 -9.63 13.96
N ASP A 546 0.96 -9.24 13.84
CA ASP A 546 2.07 -9.68 14.67
C ASP A 546 3.08 -8.53 14.71
N VAL A 547 2.60 -7.36 15.12
CA VAL A 547 3.40 -6.14 15.05
C VAL A 547 4.64 -6.25 15.93
N ARG A 548 4.51 -6.88 17.09
CA ARG A 548 5.62 -6.92 18.03
C ARG A 548 6.82 -7.68 17.49
N ASN A 549 6.62 -8.65 16.59
CA ASN A 549 7.71 -9.44 16.04
C ASN A 549 8.06 -9.15 14.60
N ILE A 550 7.10 -8.77 13.75
CA ILE A 550 7.40 -8.41 12.37
C ILE A 550 7.78 -6.93 12.28
N ILE A 551 6.90 -6.04 12.73
CA ILE A 551 7.12 -4.62 12.49
C ILE A 551 8.14 -4.04 13.46
N LEU A 552 7.96 -4.31 14.74
CA LEU A 552 8.92 -3.84 15.74
C LEU A 552 10.16 -4.71 15.79
N GLY A 553 10.14 -5.87 15.15
CA GLY A 553 11.33 -6.69 14.97
C GLY A 553 12.18 -6.29 13.78
N LYS A 554 12.62 -7.28 13.00
CA LYS A 554 13.57 -7.05 11.93
C LYS A 554 12.96 -6.61 10.61
N SER A 555 11.66 -6.83 10.38
CA SER A 555 11.10 -6.90 9.04
C SER A 555 10.21 -5.71 8.70
N HIS A 556 10.44 -4.56 9.34
CA HIS A 556 9.64 -3.36 9.07
C HIS A 556 9.70 -2.89 7.61
N TYR A 557 10.64 -3.39 6.80
CA TYR A 557 10.63 -3.10 5.38
C TYR A 557 9.32 -3.46 4.69
N VAL A 558 8.51 -4.35 5.26
CA VAL A 558 7.24 -4.66 4.62
C VAL A 558 6.30 -3.46 4.62
N LEU A 559 6.58 -2.43 5.41
CA LEU A 559 5.78 -1.21 5.32
C LEU A 559 5.80 -0.64 3.92
N TYR A 560 6.88 -0.83 3.18
CA TYR A 560 6.94 -0.34 1.80
C TYR A 560 5.92 -0.99 0.88
N GLY A 561 5.23 -2.05 1.31
CA GLY A 561 4.10 -2.52 0.52
C GLY A 561 3.00 -1.49 0.34
N LEU A 562 2.95 -0.48 1.22
CA LEU A 562 1.98 0.59 1.02
C LEU A 562 2.19 1.32 -0.30
N VAL A 563 3.39 1.25 -0.87
CA VAL A 563 3.63 1.95 -2.13
C VAL A 563 2.74 1.40 -3.23
N ALA A 564 2.35 0.13 -3.14
CA ALA A 564 1.46 -0.42 -4.16
C ALA A 564 0.12 0.29 -4.23
N ALA A 565 -0.34 0.88 -3.14
CA ALA A 565 -1.63 1.58 -3.12
C ALA A 565 -1.54 3.07 -3.40
N MET A 566 -0.35 3.67 -3.34
CA MET A 566 -0.22 5.11 -3.55
C MET A 566 -0.67 5.52 -4.95
N GLN A 567 -1.51 6.56 -4.99
CA GLN A 567 -2.06 7.09 -6.22
C GLN A 567 -2.20 8.60 -6.06
N PRO A 568 -2.22 9.35 -7.16
CA PRO A 568 -2.52 10.77 -7.06
C PRO A 568 -4.01 11.03 -6.95
N ARG A 569 -4.34 12.09 -6.21
CA ARG A 569 -5.71 12.50 -5.93
C ARG A 569 -6.12 13.78 -6.67
N MET A 570 -5.40 14.12 -7.74
CA MET A 570 -5.64 15.35 -8.48
C MET A 570 -6.47 15.10 -9.73
N LEU A 571 -7.37 16.03 -10.04
CA LEU A 571 -8.02 16.08 -11.33
C LEU A 571 -7.18 16.91 -12.29
N VAL A 572 -7.04 16.42 -13.52
CA VAL A 572 -6.29 17.09 -14.57
C VAL A 572 -7.05 16.94 -15.87
N THR A 573 -7.14 18.02 -16.64
CA THR A 573 -7.83 18.02 -17.92
C THR A 573 -6.88 18.36 -19.05
N PHE A 574 -7.10 17.71 -20.20
CA PHE A 574 -6.31 17.91 -21.41
C PHE A 574 -7.22 18.28 -22.57
N ASP A 575 -6.64 18.92 -23.58
CA ASP A 575 -7.22 18.93 -24.91
C ASP A 575 -6.99 17.57 -25.58
N GLU A 576 -7.49 17.43 -26.80
CA GLU A 576 -7.34 16.18 -27.54
C GLU A 576 -5.90 15.90 -27.95
N GLU A 577 -4.96 16.81 -27.65
CA GLU A 577 -3.54 16.58 -27.91
C GLU A 577 -2.76 16.30 -26.63
N LEU A 578 -3.46 16.07 -25.51
CA LEU A 578 -2.83 15.81 -24.22
C LEU A 578 -2.00 16.99 -23.74
N ARG A 579 -2.48 18.21 -24.00
CA ARG A 579 -1.78 19.41 -23.56
C ARG A 579 -2.55 20.06 -22.42
N PRO A 580 -1.90 20.38 -21.30
CA PRO A 580 -2.61 21.00 -20.17
C PRO A 580 -3.60 22.08 -20.55
N LEU A 581 -4.90 21.82 -20.34
CA LEU A 581 -5.95 22.77 -20.70
C LEU A 581 -6.70 23.18 -19.43
N PRO A 582 -6.38 24.34 -18.85
CA PRO A 582 -7.14 24.82 -17.68
C PRO A 582 -8.62 25.07 -17.99
N VAL A 583 -9.49 24.55 -17.13
CA VAL A 583 -10.91 24.83 -17.14
C VAL A 583 -11.37 25.04 -15.70
N SER A 584 -12.60 25.53 -15.55
CA SER A 584 -13.18 25.80 -14.24
C SER A 584 -14.22 24.75 -13.87
N VAL A 585 -14.16 24.30 -12.62
CA VAL A 585 -14.98 23.21 -12.10
C VAL A 585 -15.66 23.65 -10.81
N ARG A 586 -16.80 23.01 -10.53
CA ARG A 586 -17.59 23.21 -9.33
C ARG A 586 -17.52 21.89 -8.55
N VAL A 587 -16.57 21.83 -7.61
CA VAL A 587 -16.32 20.63 -6.82
C VAL A 587 -17.22 20.65 -5.58
N GLY A 588 -18.22 19.77 -5.56
CA GLY A 588 -19.06 19.59 -4.39
C GLY A 588 -18.86 18.21 -3.76
N GLN A 589 -19.89 17.74 -3.05
CA GLN A 589 -19.87 16.41 -2.43
C GLN A 589 -20.91 15.48 -3.04
N ALA A 590 -22.17 15.87 -3.04
CA ALA A 590 -23.24 15.04 -3.57
C ALA A 590 -23.26 13.69 -2.87
N PHE A 606 -20.44 24.12 -2.10
CA PHE A 606 -19.43 23.95 -3.14
C PHE A 606 -18.76 25.26 -3.55
N GLN A 607 -17.47 25.19 -3.82
CA GLN A 607 -16.68 26.32 -4.27
C GLN A 607 -16.35 26.15 -5.75
N THR A 608 -15.65 27.14 -6.30
CA THR A 608 -15.27 27.16 -7.71
C THR A 608 -13.76 27.13 -7.80
N HIS A 609 -13.24 26.27 -8.67
CA HIS A 609 -11.80 26.09 -8.77
C HIS A 609 -11.38 25.93 -10.22
N THR A 610 -10.11 26.19 -10.47
CA THR A 610 -9.53 26.06 -11.80
C THR A 610 -8.64 24.83 -11.82
N THR A 611 -8.87 23.94 -12.78
CA THR A 611 -8.11 22.70 -12.85
C THR A 611 -6.63 23.02 -13.07
N PRO A 612 -5.71 22.34 -12.37
CA PRO A 612 -5.79 21.07 -11.62
C PRO A 612 -6.24 21.23 -10.18
N VAL A 613 -7.26 20.46 -9.78
CA VAL A 613 -7.84 20.54 -8.45
C VAL A 613 -7.68 19.21 -7.75
N LEU A 614 -7.26 19.27 -6.48
CA LEU A 614 -7.22 18.08 -5.63
C LEU A 614 -8.62 17.75 -5.14
N LEU A 615 -9.09 16.54 -5.42
CA LEU A 615 -10.32 16.02 -4.83
C LEU A 615 -10.02 15.27 -3.54
N ALA A 616 -10.95 15.35 -2.60
CA ALA A 616 -10.92 14.57 -1.37
C ALA A 616 -11.81 13.34 -1.51
N HIS A 617 -11.92 12.58 -0.42
CA HIS A 617 -12.37 11.21 -0.51
C HIS A 617 -13.72 11.07 -1.20
N GLY A 618 -14.69 11.93 -0.86
CA GLY A 618 -16.02 11.77 -1.40
C GLY A 618 -16.59 12.92 -2.20
N GLU A 619 -15.77 13.60 -2.99
CA GLU A 619 -16.19 14.81 -3.68
C GLU A 619 -16.40 14.56 -5.16
N ARG A 620 -17.38 15.25 -5.73
CA ARG A 620 -17.70 15.19 -7.15
C ARG A 620 -17.46 16.55 -7.79
N ALA A 621 -16.68 16.58 -8.87
CA ALA A 621 -16.51 17.79 -9.67
C ALA A 621 -17.45 17.78 -10.86
N GLU A 622 -18.04 18.93 -11.17
CA GLU A 622 -18.81 19.11 -12.40
C GLU A 622 -18.36 20.38 -13.11
N LEU A 623 -18.15 20.31 -14.43
CA LEU A 623 -17.68 21.46 -15.19
C LEU A 623 -18.62 22.65 -15.01
N ALA A 624 -18.02 23.82 -14.72
CA ALA A 624 -18.80 25.02 -14.47
C ALA A 624 -19.55 25.51 -15.72
N THR A 625 -18.90 25.53 -16.87
CA THR A 625 -19.48 26.08 -18.08
C THR A 625 -19.63 25.02 -19.15
N GLU A 626 -20.49 25.31 -20.12
CA GLU A 626 -20.80 24.40 -21.22
C GLU A 626 -19.85 24.53 -22.40
N GLU A 627 -18.75 25.27 -22.26
CA GLU A 627 -17.83 25.43 -23.38
C GLU A 627 -17.26 24.08 -23.82
N PHE A 628 -16.90 23.24 -22.86
CA PHE A 628 -16.24 21.97 -23.12
C PHE A 628 -17.13 20.80 -22.73
N LEU A 629 -16.88 19.66 -23.36
CA LEU A 629 -17.59 18.41 -23.06
C LEU A 629 -16.58 17.32 -22.77
N PRO A 630 -16.71 16.60 -21.65
CA PRO A 630 -15.73 15.56 -21.33
C PRO A 630 -16.04 14.25 -22.04
N VAL A 631 -14.96 13.54 -22.40
CA VAL A 631 -15.13 12.26 -23.08
C VAL A 631 -15.58 11.17 -22.10
N THR A 632 -15.10 11.23 -20.85
CA THR A 632 -15.60 10.35 -19.81
C THR A 632 -16.61 11.06 -18.92
N PRO A 633 -17.70 10.39 -18.53
CA PRO A 633 -18.65 11.01 -17.59
C PRO A 633 -18.09 11.30 -16.20
N ILE A 634 -16.97 10.72 -15.80
CA ILE A 634 -16.43 10.89 -14.44
C ILE A 634 -15.22 11.80 -14.53
N LEU A 635 -15.28 12.93 -13.81
CA LEU A 635 -14.18 13.89 -13.80
C LEU A 635 -13.23 13.60 -12.63
N GLU A 636 -12.58 12.45 -12.73
CA GLU A 636 -11.60 12.01 -11.74
C GLU A 636 -10.32 11.62 -12.48
N GLY A 637 -9.18 12.07 -11.97
CA GLY A 637 -7.91 11.77 -12.62
C GLY A 637 -7.66 12.58 -13.86
N PHE A 638 -7.37 11.90 -14.98
CA PHE A 638 -7.08 12.55 -16.25
C PHE A 638 -8.31 12.47 -17.15
N VAL A 639 -8.77 13.63 -17.62
CA VAL A 639 -9.95 13.72 -18.48
C VAL A 639 -9.59 14.52 -19.74
N ILE A 640 -9.97 13.99 -20.90
CA ILE A 640 -9.80 14.69 -22.16
C ILE A 640 -11.07 15.48 -22.47
N LEU A 641 -10.90 16.73 -22.86
CA LEU A 641 -12.01 17.65 -23.09
C LEU A 641 -12.08 18.04 -24.56
N ARG A 642 -13.25 17.90 -25.16
CA ARG A 642 -13.46 18.32 -26.53
C ARG A 642 -13.97 19.76 -26.58
N LYS A 643 -14.09 20.29 -27.79
CA LYS A 643 -14.59 21.63 -28.00
C LYS A 643 -16.12 21.62 -28.03
N ASN A 644 -16.72 22.78 -28.24
CA ASN A 644 -18.16 22.94 -28.34
C ASN A 644 -18.82 21.87 -29.22
N SER B 1 -10.36 7.03 28.60
CA SER B 1 -9.05 6.83 29.28
C SER B 1 -9.21 7.06 30.78
N ASP B 2 -8.84 8.26 31.24
CA ASP B 2 -9.07 8.63 32.64
C ASP B 2 -10.55 8.89 32.92
N ILE B 3 -11.18 9.73 32.10
CA ILE B 3 -12.58 10.09 32.29
C ILE B 3 -12.79 10.53 33.74
N SER B 27 -16.44 14.22 31.11
CA SER B 27 -15.25 14.47 30.32
C SER B 27 -15.11 13.43 29.21
N GLN B 28 -14.56 13.84 28.08
CA GLN B 28 -14.48 12.96 26.91
C GLN B 28 -15.91 12.56 26.55
N SER B 29 -16.15 11.33 26.09
CA SER B 29 -17.46 10.94 25.60
C SER B 29 -17.72 9.48 25.92
N VAL B 30 -18.96 9.20 26.29
CA VAL B 30 -19.45 7.84 26.53
C VAL B 30 -20.71 7.72 25.68
N SER B 31 -20.78 6.66 24.87
CA SER B 31 -21.93 6.48 23.99
C SER B 31 -23.09 5.88 24.78
N SER B 32 -23.79 6.75 25.49
CA SER B 32 -24.95 6.39 26.30
C SER B 32 -24.63 5.30 27.32
N ALA B 33 -23.37 5.15 27.71
CA ALA B 33 -23.01 4.15 28.71
C ALA B 33 -22.97 4.78 30.10
N VAL B 34 -24.16 5.16 30.56
CA VAL B 34 -24.30 5.78 31.87
C VAL B 34 -25.42 5.11 32.64
N GLN B 90 -22.49 6.93 37.15
CA GLN B 90 -21.46 6.00 36.69
C GLN B 90 -21.42 5.89 35.18
N GLN B 91 -20.22 5.77 34.64
CA GLN B 91 -20.01 5.37 33.26
C GLN B 91 -19.37 3.99 33.22
N TYR B 92 -19.79 3.18 32.25
CA TYR B 92 -19.21 1.88 31.98
C TYR B 92 -18.82 1.78 30.50
N TYR B 93 -17.99 2.72 30.05
CA TYR B 93 -17.70 2.82 28.63
C TYR B 93 -17.14 1.50 28.09
N SER B 94 -16.15 0.94 28.77
CA SER B 94 -15.66 -0.39 28.41
C SER B 94 -15.18 -1.10 29.65
N TYR B 95 -14.82 -2.38 29.47
CA TYR B 95 -14.30 -3.22 30.54
C TYR B 95 -12.84 -2.95 30.83
N TYR B 96 -12.17 -2.21 29.97
CA TYR B 96 -10.73 -1.98 30.08
C TYR B 96 -10.40 -0.60 30.61
N TYR B 97 -11.40 0.16 30.96
CA TYR B 97 -11.27 1.47 31.54
C TYR B 97 -11.63 1.41 33.02
N PRO B 98 -11.09 2.30 33.85
CA PRO B 98 -11.54 2.33 35.24
C PRO B 98 -13.02 2.62 35.31
N VAL B 99 -13.70 1.98 36.26
CA VAL B 99 -15.13 2.13 36.41
C VAL B 99 -15.45 3.41 37.17
N TYR C 34 -20.14 -17.04 34.13
CA TYR C 34 -20.32 -16.39 32.83
C TYR C 34 -20.60 -14.90 33.02
N TYR C 35 -20.69 -14.47 34.27
CA TYR C 35 -21.02 -13.09 34.59
C TYR C 35 -19.76 -12.29 34.91
N SER C 36 -19.85 -11.31 35.80
CA SER C 36 -18.68 -10.63 36.31
C SER C 36 -19.06 -9.94 37.62
N ILE C 37 -18.08 -9.81 38.50
CA ILE C 37 -18.31 -9.44 39.89
C ILE C 37 -17.42 -8.25 40.23
N HIS C 38 -18.01 -7.22 40.80
CA HIS C 38 -17.31 -5.97 41.08
C HIS C 38 -17.31 -5.66 42.57
N ALA C 52 -11.89 -3.17 42.01
CA ALA C 52 -11.35 -4.19 41.11
C ALA C 52 -12.48 -4.98 40.48
N SER C 53 -12.18 -5.62 39.34
CA SER C 53 -13.15 -6.44 38.64
C SER C 53 -12.49 -7.70 38.12
N ILE C 54 -13.30 -8.74 37.97
CA ILE C 54 -12.86 -10.02 37.44
C ILE C 54 -13.86 -10.45 36.38
N TYR C 55 -13.36 -10.88 35.23
CA TYR C 55 -14.19 -11.44 34.17
C TYR C 55 -13.68 -12.85 33.90
N PRO C 56 -14.29 -13.87 34.50
CA PRO C 56 -13.81 -15.24 34.27
C PRO C 56 -13.95 -15.67 32.83
N TYR C 57 -15.11 -15.39 32.23
CA TYR C 57 -15.38 -15.79 30.86
C TYR C 57 -14.39 -15.17 29.88
N TYR C 58 -13.55 -14.24 30.33
CA TYR C 58 -12.50 -13.64 29.54
C TYR C 58 -11.15 -13.78 30.21
N SER C 59 -11.07 -14.45 31.36
CA SER C 59 -9.82 -14.64 32.09
C SER C 59 -9.11 -13.30 32.28
N TYR C 60 -9.88 -12.25 32.50
CA TYR C 60 -9.35 -10.90 32.59
C TYR C 60 -9.53 -10.36 34.01
N THR C 61 -8.51 -9.69 34.52
CA THR C 61 -8.54 -9.10 35.85
C THR C 61 -8.16 -7.64 35.75
N SER C 62 -8.97 -6.77 36.36
CA SER C 62 -8.65 -5.35 36.40
C SER C 62 -8.72 -4.79 37.81
N ARG C 101 -22.50 -6.87 40.41
CA ARG C 101 -22.35 -7.67 39.20
C ARG C 101 -23.11 -7.02 38.05
N TYR C 102 -22.50 -6.99 36.86
CA TYR C 102 -23.15 -6.36 35.72
C TYR C 102 -24.40 -7.13 35.32
N GLN C 103 -25.46 -6.39 34.99
CA GLN C 103 -26.71 -7.04 34.62
C GLN C 103 -26.54 -7.87 33.35
N SER C 104 -25.84 -7.32 32.35
CA SER C 104 -25.63 -7.97 31.07
C SER C 104 -24.13 -8.22 30.87
N SER C 105 -23.80 -9.45 30.45
CA SER C 105 -22.42 -9.79 30.15
C SER C 105 -21.94 -9.11 28.87
N SER C 106 -22.83 -8.99 27.88
CA SER C 106 -22.43 -8.44 26.59
C SER C 106 -22.11 -6.95 26.67
N TYR C 107 -22.96 -6.14 27.31
CA TYR C 107 -22.75 -4.71 27.36
C TYR C 107 -22.56 -4.17 28.76
N GLY C 108 -22.66 -4.99 29.80
CA GLY C 108 -22.51 -4.52 31.16
C GLY C 108 -23.41 -3.36 31.56
N TYR C 109 -24.73 -3.56 31.52
CA TYR C 109 -25.68 -2.46 31.71
C TYR C 109 -25.77 -2.07 33.18
N GLY C 110 -24.68 -1.49 33.69
CA GLY C 110 -24.65 -1.09 35.08
C GLY C 110 -24.27 -2.21 36.04
N SER D 29 22.35 -15.14 -20.21
CA SER D 29 22.04 -14.35 -19.03
C SER D 29 20.70 -13.66 -19.20
N VAL D 30 19.83 -13.81 -18.21
CA VAL D 30 18.55 -13.10 -18.19
C VAL D 30 18.72 -11.77 -17.46
N SER D 31 19.96 -11.28 -17.37
CA SER D 31 20.26 -10.09 -16.60
C SER D 31 21.48 -9.44 -17.23
N SER D 32 21.28 -8.81 -18.37
CA SER D 32 22.38 -8.29 -19.16
C SER D 32 21.83 -7.18 -20.06
N ALA D 33 22.73 -6.53 -20.76
CA ALA D 33 22.38 -5.48 -21.70
C ALA D 33 23.25 -5.66 -22.94
N VAL D 34 22.65 -5.48 -24.11
CA VAL D 34 23.39 -5.60 -25.36
C VAL D 34 23.41 -4.26 -26.07
N TYR D 50 21.87 1.06 -27.39
CA TYR D 50 21.91 0.38 -26.10
C TYR D 50 20.58 -0.29 -25.78
N SER D 51 20.64 -1.26 -24.86
CA SER D 51 19.45 -1.99 -24.41
C SER D 51 18.76 -2.68 -25.58
N ALA D 52 19.56 -3.13 -26.54
CA ALA D 52 19.13 -3.87 -27.72
C ALA D 52 18.34 -3.08 -28.75
N SER D 53 17.50 -2.12 -28.32
CA SER D 53 16.68 -1.38 -29.26
C SER D 53 16.66 0.12 -28.99
N SER D 54 17.75 0.70 -28.50
CA SER D 54 17.77 2.15 -28.29
C SER D 54 18.98 2.78 -28.97
N TYR D 92 27.10 -6.47 -21.45
CA TYR D 92 27.35 -5.91 -20.13
C TYR D 92 26.63 -6.76 -19.08
N TYR D 93 27.30 -7.01 -17.95
CA TYR D 93 26.75 -7.79 -16.85
C TYR D 93 26.46 -6.84 -15.70
N TYR D 94 25.18 -6.67 -15.39
CA TYR D 94 24.78 -5.63 -14.46
C TYR D 94 25.38 -5.85 -13.08
N SER D 95 25.31 -7.08 -12.56
CA SER D 95 25.78 -7.33 -11.21
C SER D 95 27.30 -7.27 -11.12
N SER D 96 27.99 -8.06 -11.94
CA SER D 96 29.44 -8.03 -11.92
C SER D 96 29.98 -6.74 -12.54
N SER D 97 29.38 -6.29 -13.63
CA SER D 97 29.85 -5.15 -14.43
C SER D 97 31.02 -5.55 -15.32
N LEU D 98 31.15 -6.83 -15.61
CA LEU D 98 32.22 -7.33 -16.46
C LEU D 98 31.94 -6.93 -17.91
N SER E 33 32.05 12.40 -9.32
CA SER E 33 31.71 11.36 -8.35
C SER E 33 30.28 10.90 -8.54
N SER E 34 29.75 11.09 -9.74
CA SER E 34 28.40 10.67 -10.09
C SER E 34 28.37 9.60 -11.16
N TYR E 35 29.54 9.23 -11.70
CA TYR E 35 29.66 8.25 -12.77
C TYR E 35 30.76 7.27 -12.43
N SER E 36 30.81 6.19 -13.21
CA SER E 36 31.82 5.15 -13.08
C SER E 36 32.60 5.03 -14.38
N MET E 37 33.90 4.74 -14.28
CA MET E 37 34.79 4.63 -15.41
C MET E 37 35.13 3.17 -15.70
N HIS E 38 35.48 2.91 -16.96
CA HIS E 38 35.89 1.59 -17.41
C HIS E 38 37.27 1.65 -18.03
N TYR E 53 37.15 -2.08 -13.99
CA TYR E 53 36.02 -1.21 -13.68
C TYR E 53 36.25 -0.58 -12.32
N ILE E 54 35.84 0.68 -12.16
CA ILE E 54 35.99 1.39 -10.89
C ILE E 54 34.74 2.24 -10.64
N TYR E 55 34.22 2.16 -9.42
CA TYR E 55 33.16 3.05 -8.93
C TYR E 55 33.81 3.81 -7.79
N PRO E 56 34.30 5.03 -8.03
CA PRO E 56 35.05 5.74 -6.98
C PRO E 56 34.23 6.19 -5.80
N TYR E 57 32.90 6.17 -5.88
CA TYR E 57 32.08 6.49 -4.71
C TYR E 57 32.06 5.30 -3.76
N SER E 58 31.60 4.16 -4.24
CA SER E 58 31.59 2.94 -3.43
C SER E 58 32.99 2.38 -3.28
N SER E 59 33.91 2.79 -4.13
CA SER E 59 35.23 2.18 -4.24
C SER E 59 35.10 0.71 -4.61
N TYR E 60 34.23 0.43 -5.57
CA TYR E 60 34.04 -0.93 -6.08
C TYR E 60 34.90 -1.13 -7.31
N THR E 61 35.68 -2.20 -7.33
CA THR E 61 36.63 -2.42 -8.41
C THR E 61 36.43 -3.81 -8.98
N TYR E 62 36.77 -3.97 -10.25
CA TYR E 62 36.66 -5.27 -10.90
C TYR E 62 37.66 -5.41 -12.03
N LYS E 102 30.69 4.98 -17.81
CA LYS E 102 29.43 4.26 -17.90
C LYS E 102 28.30 5.24 -18.22
N TYR E 103 27.30 4.76 -18.95
CA TYR E 103 26.15 5.60 -19.31
C TYR E 103 25.17 5.59 -18.15
N GLN E 104 25.57 6.27 -17.08
CA GLN E 104 24.80 6.35 -15.83
C GLN E 104 24.57 4.93 -15.34
N TRP E 105 23.33 4.46 -15.24
CA TRP E 105 23.03 3.15 -14.70
C TRP E 105 22.88 2.07 -15.77
N ARG E 106 23.05 2.42 -17.03
CA ARG E 106 22.87 1.47 -18.12
C ARG E 106 24.20 0.82 -18.46
N GLY E 107 24.12 -0.40 -19.00
CA GLY E 107 25.31 -1.08 -19.42
C GLY E 107 25.67 -0.70 -20.84
N ALA E 108 26.53 0.30 -20.97
CA ALA E 108 26.93 0.81 -22.27
C ALA E 108 28.09 1.79 -22.10
C ACY F 1 4.35 24.21 5.26
O ACY F 1 5.48 24.55 4.95
CH3 ACY F 1 3.99 23.85 6.69
N PHE F 2 3.35 24.13 4.38
CA PHE F 2 3.19 25.09 3.29
C PHE F 2 1.89 25.87 3.49
N PRO F 3 1.78 27.08 2.92
CA PRO F 3 0.47 27.72 2.80
C PRO F 3 -0.35 27.14 1.65
N ASP F 4 -1.59 27.62 1.51
CA ASP F 4 -2.77 26.84 1.83
C ASP F 4 -3.85 27.01 0.77
N VAL F 5 -3.53 26.64 -0.47
CA VAL F 5 -3.49 27.58 -1.58
C VAL F 5 -4.90 28.14 -1.80
N SAR F 6 -5.90 27.31 -2.17
CA SAR F 6 -7.25 27.86 -2.24
C SAR F 6 -7.90 27.71 -3.61
O SAR F 6 -8.95 27.11 -3.74
CN SAR F 6 -5.76 25.90 -2.51
N LEU F 7 -7.24 28.26 -4.63
CA LEU F 7 -7.70 28.16 -6.00
C LEU F 7 -7.77 26.70 -6.45
N HIS F 8 -6.78 25.90 -6.03
CA HIS F 8 -6.65 24.52 -6.45
C HIS F 8 -7.07 23.53 -5.36
N ARG F 9 -7.69 24.03 -4.29
CA ARG F 9 -8.32 23.18 -3.30
C ARG F 9 -7.29 22.38 -2.50
N TYR F 10 -6.03 22.83 -2.53
CA TYR F 10 -4.97 22.26 -1.72
C TYR F 10 -4.96 22.81 -0.30
N TRP F 11 -5.09 21.92 0.68
CA TRP F 11 -4.94 22.30 2.08
C TRP F 11 -3.55 21.96 2.60
N GLY F 12 -2.83 22.99 3.04
CA GLY F 12 -1.50 22.80 3.58
C GLY F 12 -1.51 22.48 5.06
N TRP F 13 -0.36 22.70 5.71
CA TRP F 13 -0.31 22.80 7.16
C TRP F 13 0.73 23.81 7.59
N ASP F 14 1.13 23.78 8.86
CA ASP F 14 1.94 24.84 9.44
C ASP F 14 3.33 24.32 9.82
N CYS F 15 4.32 25.22 9.86
CA CYS F 15 5.44 25.72 9.08
C CYS F 15 5.05 26.81 8.08
N GLY F 16 3.81 27.29 8.17
CA GLY F 16 3.10 27.75 7.00
C GLY F 16 1.86 28.58 7.28
N NH2 F 17 0.69 27.99 7.12
#